data_8IS0
#
_entry.id   8IS0
#
_cell.length_a   107.518
_cell.length_b   173.275
_cell.length_c   82.858
_cell.angle_alpha   90.00
_cell.angle_beta   125.51
_cell.angle_gamma   90.00
#
_symmetry.space_group_name_H-M   'C 1 2 1'
#
loop_
_entity.id
_entity.type
_entity.pdbx_description
1 polymer 'Probable hercynylcysteine sulfoxide lyase'
2 non-polymer "PYRIDOXAL-5'-PHOSPHATE"
3 non-polymer '2-AMINO-ACRYLIC ACID'
4 water water
#
_entity_poly.entity_id   1
_entity_poly.type   'polypeptide(L)'
_entity_poly.pdbx_seq_one_letter_code
;MGSSHHHHHHSSGLVPRGSHMVMLAQQWRDARPKVAGLHLDSGACSRQSFAVIDATTAHARHEAEVGGYVAAEAATPALD
AGRAAVASLIGFAASDVVYTSGSNHAIDLLLSSWPGKRTLACLPGEFGPNLSAMAANGFQVRALPVDDDGRVLVDEASHE
LSAHPVALVHLTALASHRGIAQPAAELVEACHNAGIPVVIDAAQALGHLDCNVGADAVYSSSRKWLAGPRGVGVLAVRPE
LAERLQPRIPPSDWPIPMSVLEKLELGEHNAAARVGFSVAVGEHLAAGPTAVRERLAEVGRLSRQVLAEVDGWRVVEPVD
QPTAITTLESTDGADPASVRSWLIAERGIVTTACELARAPFEMRTPVLRISPHVDVTVDELEQFAAALREAP
;
_entity_poly.pdbx_strand_id   A,B
#
# COMPACT_ATOMS: atom_id res chain seq x y z
N PRO A 16 0.51 17.34 -11.54
CA PRO A 16 1.56 16.64 -10.79
C PRO A 16 0.98 15.74 -9.69
N ARG A 17 0.30 14.68 -10.14
CA ARG A 17 -0.58 13.84 -9.32
C ARG A 17 0.23 13.01 -8.31
N GLY A 18 -0.44 12.63 -7.20
CA GLY A 18 0.22 11.95 -6.09
C GLY A 18 0.03 10.44 -6.12
N SER A 19 0.39 9.79 -5.01
CA SER A 19 0.58 8.35 -4.98
C SER A 19 -0.66 7.64 -4.46
N HIS A 20 -1.00 6.51 -5.09
CA HIS A 20 -1.99 5.57 -4.57
C HIS A 20 -1.37 4.78 -3.41
N MET A 21 -1.96 4.97 -2.23
CA MET A 21 -1.54 4.29 -1.01
C MET A 21 -1.99 2.85 -1.12
N VAL A 22 -1.05 1.89 -1.01
CA VAL A 22 -1.34 0.46 -1.09
C VAL A 22 -0.56 -0.26 0.00
N MET A 23 -1.24 -1.16 0.71
CA MET A 23 -0.62 -1.93 1.77
C MET A 23 0.36 -2.94 1.18
N LEU A 24 0.33 -3.08 -0.15
CA LEU A 24 1.24 -3.91 -0.91
C LEU A 24 2.67 -3.40 -0.80
N ALA A 25 2.86 -2.12 -1.14
CA ALA A 25 4.18 -1.51 -1.08
C ALA A 25 4.84 -1.81 0.27
N GLN A 26 4.01 -1.78 1.31
CA GLN A 26 4.53 -1.83 2.68
C GLN A 26 4.81 -3.28 3.05
N GLN A 27 3.85 -4.18 2.77
CA GLN A 27 4.02 -5.61 3.02
C GLN A 27 5.29 -6.12 2.35
N TRP A 28 5.50 -5.66 1.11
CA TRP A 28 6.64 -6.05 0.30
C TRP A 28 7.92 -5.66 1.01
N ARG A 29 8.06 -4.37 1.33
CA ARG A 29 9.25 -3.82 1.98
C ARG A 29 9.61 -4.69 3.20
N ASP A 30 8.60 -4.95 4.04
CA ASP A 30 8.80 -5.53 5.36
C ASP A 30 9.05 -7.02 5.28
N ALA A 31 8.68 -7.65 4.15
CA ALA A 31 8.91 -9.07 3.91
C ALA A 31 10.39 -9.36 3.63
N ARG A 32 11.18 -8.29 3.41
CA ARG A 32 12.58 -8.39 3.03
C ARG A 32 13.46 -7.72 4.08
N PRO A 33 14.76 -8.10 4.16
CA PRO A 33 15.75 -7.34 4.94
C PRO A 33 15.73 -5.85 4.61
N LYS A 34 16.10 -5.02 5.58
CA LYS A 34 15.98 -3.59 5.35
C LYS A 34 17.20 -3.18 4.51
N VAL A 35 16.91 -2.33 3.51
CA VAL A 35 17.91 -1.77 2.60
C VAL A 35 18.93 -1.01 3.45
N ALA A 36 20.22 -1.30 3.24
CA ALA A 36 21.28 -0.55 3.90
C ALA A 36 21.17 0.93 3.53
N GLY A 37 21.27 1.23 2.23
CA GLY A 37 21.07 2.59 1.72
C GLY A 37 19.68 2.76 1.09
N LEU A 38 19.66 2.98 -0.22
CA LEU A 38 18.40 3.06 -0.98
C LEU A 38 18.57 2.35 -2.32
N HIS A 39 17.77 1.29 -2.53
CA HIS A 39 17.99 0.31 -3.59
C HIS A 39 16.96 0.51 -4.70
N LEU A 40 17.41 1.04 -5.85
CA LEU A 40 16.52 1.29 -6.98
C LEU A 40 17.05 0.54 -8.21
N ASP A 41 17.30 -0.78 -8.07
CA ASP A 41 17.73 -1.60 -9.21
C ASP A 41 17.28 -3.06 -9.01
N SER A 42 15.97 -3.21 -8.81
CA SER A 42 15.34 -4.52 -8.87
C SER A 42 15.38 -5.06 -10.30
N GLY A 43 15.61 -4.14 -11.26
CA GLY A 43 15.80 -4.47 -12.65
C GLY A 43 17.12 -5.22 -12.93
N ALA A 44 18.11 -5.03 -12.07
CA ALA A 44 19.37 -5.77 -12.19
C ALA A 44 19.31 -6.98 -11.27
N CYS A 45 19.10 -6.71 -9.99
CA CYS A 45 18.92 -7.74 -8.98
C CYS A 45 18.10 -7.14 -7.85
N SER A 46 16.88 -7.66 -7.67
CA SER A 46 15.97 -7.23 -6.63
C SER A 46 16.42 -7.84 -5.31
N ARG A 47 15.50 -7.90 -4.33
CA ARG A 47 15.82 -8.24 -2.95
C ARG A 47 15.00 -9.44 -2.52
N GLN A 48 15.66 -10.44 -1.93
CA GLN A 48 15.03 -11.67 -1.52
C GLN A 48 14.32 -11.48 -0.18
N SER A 49 13.03 -11.85 -0.14
CA SER A 49 12.31 -11.97 1.12
C SER A 49 13.02 -12.94 2.06
N PHE A 50 12.77 -12.74 3.37
CA PHE A 50 13.19 -13.66 4.41
C PHE A 50 12.77 -15.09 4.08
N ALA A 51 11.48 -15.28 3.73
CA ALA A 51 10.96 -16.59 3.38
C ALA A 51 11.82 -17.24 2.28
N VAL A 52 12.09 -16.49 1.21
CA VAL A 52 12.87 -16.95 0.07
C VAL A 52 14.27 -17.35 0.55
N ILE A 53 14.94 -16.41 1.22
CA ILE A 53 16.25 -16.70 1.76
C ILE A 53 16.21 -17.98 2.59
N ASP A 54 15.19 -18.11 3.45
CA ASP A 54 15.14 -19.19 4.42
C ASP A 54 14.81 -20.51 3.73
N ALA A 55 13.89 -20.43 2.74
CA ALA A 55 13.54 -21.57 1.92
C ALA A 55 14.80 -22.20 1.31
N THR A 56 15.72 -21.32 0.88
CA THR A 56 16.96 -21.75 0.22
C THR A 56 17.87 -22.44 1.25
N THR A 57 18.17 -21.70 2.32
CA THR A 57 19.04 -22.19 3.39
C THR A 57 18.58 -23.58 3.82
N ALA A 58 17.25 -23.67 4.00
CA ALA A 58 16.57 -24.89 4.43
C ALA A 58 16.95 -26.06 3.54
N HIS A 59 16.87 -25.84 2.21
CA HIS A 59 17.15 -26.91 1.28
C HIS A 59 18.56 -27.44 1.51
N ALA A 60 19.51 -26.50 1.63
CA ALA A 60 20.92 -26.80 1.80
C ALA A 60 21.17 -27.57 3.10
N ARG A 61 20.54 -27.07 4.18
CA ARG A 61 20.50 -27.78 5.45
C ARG A 61 20.00 -29.20 5.20
N HIS A 62 18.88 -29.31 4.47
CA HIS A 62 18.23 -30.60 4.29
C HIS A 62 19.13 -31.51 3.47
N GLU A 63 19.86 -30.94 2.50
CA GLU A 63 20.81 -31.72 1.69
C GLU A 63 21.77 -32.48 2.60
N ALA A 64 22.19 -31.81 3.69
CA ALA A 64 23.21 -32.35 4.59
C ALA A 64 22.62 -33.43 5.50
N GLU A 65 21.33 -33.30 5.83
CA GLU A 65 20.63 -34.26 6.65
C GLU A 65 20.39 -35.56 5.86
N VAL A 66 19.52 -35.47 4.85
CA VAL A 66 18.89 -36.65 4.27
C VAL A 66 19.65 -37.16 3.04
N GLY A 67 20.62 -36.36 2.55
CA GLY A 67 21.30 -36.66 1.30
C GLY A 67 20.87 -35.70 0.19
N GLY A 68 21.80 -35.41 -0.73
CA GLY A 68 21.65 -34.25 -1.60
C GLY A 68 20.55 -34.43 -2.65
N TYR A 69 20.49 -35.65 -3.21
CA TYR A 69 19.60 -35.97 -4.30
C TYR A 69 18.27 -36.49 -3.77
N VAL A 70 18.22 -36.96 -2.52
CA VAL A 70 16.96 -37.29 -1.88
C VAL A 70 16.27 -35.99 -1.46
N ALA A 71 17.06 -35.02 -0.98
CA ALA A 71 16.56 -33.69 -0.64
C ALA A 71 15.89 -33.06 -1.86
N ALA A 72 16.49 -33.30 -3.04
CA ALA A 72 16.05 -32.72 -4.30
C ALA A 72 14.71 -33.30 -4.72
N GLU A 73 14.68 -34.64 -4.74
CA GLU A 73 13.45 -35.41 -4.89
C GLU A 73 12.39 -34.80 -3.99
N ALA A 74 12.67 -34.76 -2.67
CA ALA A 74 11.77 -34.21 -1.66
C ALA A 74 11.23 -32.84 -2.05
N ALA A 75 12.05 -32.03 -2.74
CA ALA A 75 11.67 -30.67 -3.08
C ALA A 75 10.82 -30.61 -4.35
N THR A 76 10.63 -31.75 -5.03
CA THR A 76 9.91 -31.81 -6.30
C THR A 76 8.59 -31.03 -6.23
N PRO A 77 7.72 -31.24 -5.20
CA PRO A 77 6.52 -30.41 -5.02
C PRO A 77 6.76 -28.92 -5.22
N ALA A 78 7.80 -28.40 -4.54
CA ALA A 78 8.15 -26.98 -4.53
C ALA A 78 8.68 -26.53 -5.89
N LEU A 79 9.53 -27.38 -6.50
CA LEU A 79 10.09 -27.09 -7.80
C LEU A 79 8.96 -26.95 -8.81
N ASP A 80 8.03 -27.92 -8.80
CA ASP A 80 6.90 -27.98 -9.71
C ASP A 80 5.94 -26.81 -9.46
N ALA A 81 5.77 -26.47 -8.18
CA ALA A 81 5.04 -25.28 -7.77
C ALA A 81 5.47 -24.09 -8.63
N GLY A 82 6.78 -23.86 -8.65
CA GLY A 82 7.38 -22.71 -9.33
C GLY A 82 7.13 -22.73 -10.83
N ARG A 83 7.30 -23.92 -11.45
CA ARG A 83 7.01 -24.10 -12.86
C ARG A 83 5.59 -23.63 -13.17
N ALA A 84 4.65 -24.20 -12.39
CA ALA A 84 3.24 -23.90 -12.48
C ALA A 84 2.98 -22.40 -12.38
N ALA A 85 3.54 -21.79 -11.33
CA ALA A 85 3.37 -20.36 -11.09
C ALA A 85 3.88 -19.58 -12.31
N VAL A 86 5.05 -20.00 -12.83
CA VAL A 86 5.66 -19.34 -13.97
C VAL A 86 4.73 -19.49 -15.17
N ALA A 87 4.30 -20.75 -15.35
CA ALA A 87 3.40 -21.14 -16.42
C ALA A 87 2.15 -20.25 -16.41
N SER A 88 1.63 -19.98 -15.19
CA SER A 88 0.37 -19.25 -15.05
C SER A 88 0.53 -17.82 -15.58
N LEU A 89 1.73 -17.26 -15.41
CA LEU A 89 2.02 -15.87 -15.71
C LEU A 89 2.25 -15.66 -17.21
N ILE A 90 2.48 -16.75 -17.95
CA ILE A 90 2.82 -16.69 -19.37
C ILE A 90 1.77 -17.43 -20.20
N GLY A 91 0.86 -18.13 -19.51
CA GLY A 91 -0.18 -18.92 -20.14
C GLY A 91 0.36 -20.18 -20.80
N PHE A 92 1.37 -20.81 -20.21
CA PHE A 92 1.85 -22.09 -20.69
C PHE A 92 1.43 -23.14 -19.67
N ALA A 93 1.75 -24.41 -19.97
CA ALA A 93 1.63 -25.51 -19.01
C ALA A 93 2.87 -25.51 -18.13
N ALA A 94 2.70 -25.96 -16.88
CA ALA A 94 3.82 -26.14 -15.97
C ALA A 94 4.83 -27.12 -16.56
N SER A 95 4.35 -28.07 -17.37
CA SER A 95 5.23 -29.08 -17.93
C SER A 95 6.02 -28.53 -19.13
N ASP A 96 5.64 -27.33 -19.59
CA ASP A 96 6.39 -26.63 -20.64
C ASP A 96 7.57 -25.85 -20.07
N VAL A 97 7.54 -25.61 -18.75
CA VAL A 97 8.51 -24.76 -18.07
C VAL A 97 9.67 -25.62 -17.60
N VAL A 98 10.89 -25.17 -17.93
CA VAL A 98 12.14 -25.78 -17.48
C VAL A 98 12.93 -24.72 -16.72
N TYR A 99 13.84 -25.20 -15.87
CA TYR A 99 14.73 -24.35 -15.11
C TYR A 99 16.05 -24.17 -15.87
N THR A 100 16.60 -22.95 -15.76
CA THR A 100 17.87 -22.56 -16.35
C THR A 100 18.71 -21.86 -15.27
N SER A 101 19.88 -21.37 -15.67
CA SER A 101 20.72 -20.55 -14.79
C SER A 101 20.33 -19.09 -14.90
N GLY A 102 19.57 -18.73 -15.95
CA GLY A 102 19.20 -17.36 -16.23
C GLY A 102 18.66 -17.22 -17.64
N SER A 103 18.34 -15.98 -18.06
CA SER A 103 17.73 -15.71 -19.36
C SER A 103 18.72 -15.82 -20.52
N ASN A 104 20.02 -16.00 -20.26
CA ASN A 104 20.98 -16.14 -21.35
C ASN A 104 21.22 -17.62 -21.60
N HIS A 105 21.40 -18.38 -20.51
CA HIS A 105 21.34 -19.83 -20.58
C HIS A 105 20.11 -20.22 -21.41
N ALA A 106 18.98 -19.59 -21.06
CA ALA A 106 17.69 -19.82 -21.69
C ALA A 106 17.80 -19.65 -23.20
N ILE A 107 18.05 -18.41 -23.67
CA ILE A 107 18.02 -18.11 -25.10
C ILE A 107 19.06 -18.96 -25.83
N ASP A 108 20.15 -19.33 -25.16
CA ASP A 108 21.18 -20.14 -25.78
C ASP A 108 20.69 -21.59 -25.90
N LEU A 109 20.11 -22.14 -24.82
CA LEU A 109 19.51 -23.46 -24.88
C LEU A 109 18.53 -23.52 -26.04
N LEU A 110 17.72 -22.47 -26.21
CA LEU A 110 16.69 -22.44 -27.23
C LEU A 110 17.33 -22.41 -28.63
N LEU A 111 18.12 -21.36 -28.91
CA LEU A 111 18.64 -21.08 -30.25
C LEU A 111 19.64 -22.15 -30.69
N SER A 112 20.43 -22.70 -29.74
CA SER A 112 21.35 -23.78 -30.03
C SER A 112 20.58 -25.03 -30.44
N SER A 113 19.28 -25.10 -30.09
CA SER A 113 18.48 -26.29 -30.29
C SER A 113 17.58 -26.16 -31.51
N TRP A 114 17.64 -25.00 -32.17
CA TRP A 114 16.60 -24.61 -33.11
C TRP A 114 16.79 -25.30 -34.46
N PRO A 115 15.73 -25.97 -35.00
CA PRO A 115 15.88 -26.81 -36.19
C PRO A 115 15.86 -26.07 -37.53
N GLY A 116 16.54 -26.66 -38.52
CA GLY A 116 16.57 -26.15 -39.87
C GLY A 116 17.00 -24.68 -39.94
N LYS A 117 16.22 -23.87 -40.67
CA LYS A 117 16.67 -22.56 -41.11
C LYS A 117 16.65 -21.61 -39.93
N ARG A 118 17.75 -20.85 -39.80
CA ARG A 118 18.00 -19.99 -38.64
C ARG A 118 18.04 -18.52 -39.06
N THR A 119 16.90 -18.03 -39.53
CA THR A 119 16.69 -16.59 -39.68
C THR A 119 15.91 -16.15 -38.44
N LEU A 120 15.91 -14.83 -38.18
CA LEU A 120 15.30 -14.28 -36.99
C LEU A 120 15.08 -12.78 -37.20
N ALA A 121 13.95 -12.27 -36.73
CA ALA A 121 13.74 -10.83 -36.65
C ALA A 121 13.57 -10.47 -35.18
N CYS A 122 14.07 -9.30 -34.79
CA CYS A 122 14.03 -8.84 -33.41
C CYS A 122 13.99 -7.32 -33.43
N LEU A 123 13.89 -6.68 -32.26
CA LEU A 123 13.93 -5.23 -32.20
C LEU A 123 15.33 -4.75 -32.51
N PRO A 124 15.51 -3.49 -32.94
CA PRO A 124 16.83 -2.85 -32.94
C PRO A 124 17.33 -2.74 -31.50
N GLY A 125 16.37 -2.60 -30.58
CA GLY A 125 16.67 -2.44 -29.16
C GLY A 125 17.19 -3.73 -28.52
N GLU A 126 17.34 -4.80 -29.32
CA GLU A 126 17.63 -6.12 -28.79
C GLU A 126 18.87 -6.07 -27.91
N PHE A 127 18.78 -6.85 -26.81
CA PHE A 127 19.80 -6.95 -25.77
C PHE A 127 21.07 -7.51 -26.37
N GLY A 128 22.20 -6.83 -26.11
CA GLY A 128 23.46 -7.19 -26.73
C GLY A 128 23.80 -8.66 -26.54
N PRO A 129 23.86 -9.14 -25.28
CA PRO A 129 24.13 -10.54 -24.98
C PRO A 129 23.19 -11.54 -25.67
N ASN A 130 21.98 -11.06 -26.01
CA ASN A 130 21.05 -11.88 -26.79
C ASN A 130 21.55 -11.99 -28.23
N LEU A 131 21.81 -10.82 -28.87
CA LEU A 131 22.37 -10.75 -30.22
C LEU A 131 23.62 -11.62 -30.30
N SER A 132 24.47 -11.52 -29.27
CA SER A 132 25.66 -12.32 -29.15
C SER A 132 25.32 -13.82 -29.22
N ALA A 133 24.32 -14.27 -28.43
CA ALA A 133 23.89 -15.66 -28.49
C ALA A 133 23.26 -16.00 -29.84
N MET A 134 22.49 -15.05 -30.38
CA MET A 134 21.83 -15.22 -31.68
C MET A 134 22.90 -15.53 -32.73
N ALA A 135 23.91 -14.63 -32.76
CA ALA A 135 25.01 -14.71 -33.69
C ALA A 135 25.78 -16.00 -33.44
N ALA A 136 26.07 -16.32 -32.17
CA ALA A 136 26.87 -17.49 -31.84
C ALA A 136 26.20 -18.79 -32.28
N ASN A 137 24.87 -18.75 -32.52
CA ASN A 137 24.12 -19.93 -32.91
C ASN A 137 23.78 -19.86 -34.40
N GLY A 138 24.37 -18.89 -35.11
CA GLY A 138 24.28 -18.83 -36.55
C GLY A 138 22.91 -18.37 -37.04
N PHE A 139 22.37 -17.32 -36.43
CA PHE A 139 21.10 -16.77 -36.88
C PHE A 139 21.38 -15.51 -37.68
N GLN A 140 20.76 -15.40 -38.86
CA GLN A 140 20.59 -14.12 -39.54
C GLN A 140 19.52 -13.33 -38.77
N VAL A 141 19.81 -12.07 -38.49
CA VAL A 141 19.04 -11.30 -37.52
C VAL A 141 18.59 -10.00 -38.18
N ARG A 142 17.32 -9.91 -38.58
CA ARG A 142 16.79 -8.68 -39.16
C ARG A 142 16.20 -7.83 -38.04
N ALA A 143 16.19 -6.52 -38.21
CA ALA A 143 15.46 -5.62 -37.31
C ALA A 143 13.99 -5.52 -37.72
N LEU A 144 13.14 -5.15 -36.75
CA LEU A 144 11.73 -4.91 -36.99
C LEU A 144 11.50 -3.41 -36.90
N PRO A 145 10.51 -2.86 -37.65
CA PRO A 145 10.23 -1.42 -37.61
C PRO A 145 9.78 -0.96 -36.23
N VAL A 146 10.29 0.18 -35.77
CA VAL A 146 9.94 0.73 -34.48
C VAL A 146 9.72 2.24 -34.59
N ASP A 147 9.23 2.84 -33.50
CA ASP A 147 9.09 4.29 -33.41
C ASP A 147 10.39 4.88 -32.82
N ASP A 148 10.37 6.18 -32.51
CA ASP A 148 11.53 6.88 -32.02
C ASP A 148 11.88 6.41 -30.61
N ASP A 149 10.91 5.83 -29.88
CA ASP A 149 11.16 5.24 -28.56
C ASP A 149 11.86 3.89 -28.68
N GLY A 150 11.60 3.18 -29.79
CA GLY A 150 12.03 1.80 -29.95
C GLY A 150 10.87 0.80 -29.87
N ARG A 151 9.66 1.32 -29.65
CA ARG A 151 8.46 0.50 -29.54
C ARG A 151 8.09 -0.04 -30.92
N VAL A 152 7.94 -1.37 -31.03
CA VAL A 152 7.68 -1.97 -32.32
C VAL A 152 6.40 -1.37 -32.89
N LEU A 153 6.47 -1.04 -34.18
CA LEU A 153 5.29 -0.73 -34.98
C LEU A 153 4.75 -2.08 -35.43
N VAL A 154 3.63 -2.51 -34.81
CA VAL A 154 3.09 -3.85 -34.99
C VAL A 154 2.58 -4.01 -36.41
N ASP A 155 2.00 -2.93 -36.98
CA ASP A 155 1.45 -2.96 -38.33
C ASP A 155 2.57 -3.21 -39.34
N GLU A 156 3.51 -2.24 -39.41
CA GLU A 156 4.64 -2.29 -40.33
C GLU A 156 5.31 -3.65 -40.27
N ALA A 157 5.44 -4.18 -39.03
CA ALA A 157 6.14 -5.41 -38.74
C ALA A 157 5.40 -6.62 -39.33
N SER A 158 4.06 -6.58 -39.26
CA SER A 158 3.21 -7.63 -39.81
C SER A 158 3.39 -7.68 -41.33
N HIS A 159 3.30 -6.50 -41.95
CA HIS A 159 3.50 -6.37 -43.39
C HIS A 159 4.88 -6.90 -43.76
N GLU A 160 5.90 -6.43 -43.03
CA GLU A 160 7.28 -6.80 -43.25
C GLU A 160 7.48 -8.31 -43.12
N LEU A 161 6.75 -8.94 -42.18
CA LEU A 161 6.96 -10.35 -41.87
C LEU A 161 6.27 -11.25 -42.90
N SER A 162 5.17 -10.77 -43.47
CA SER A 162 4.49 -11.48 -44.56
C SER A 162 5.33 -11.39 -45.83
N ALA A 163 5.69 -10.15 -46.20
CA ALA A 163 6.54 -9.88 -47.35
C ALA A 163 7.86 -10.63 -47.24
N HIS A 164 8.56 -10.46 -46.11
CA HIS A 164 9.82 -11.13 -45.88
C HIS A 164 9.69 -12.02 -44.63
N PRO A 165 9.48 -13.35 -44.81
CA PRO A 165 9.32 -14.26 -43.68
C PRO A 165 10.66 -14.59 -43.01
N VAL A 166 10.58 -14.97 -41.74
CA VAL A 166 11.76 -15.19 -40.90
C VAL A 166 11.44 -16.38 -40.00
N ALA A 167 12.46 -17.17 -39.63
CA ALA A 167 12.22 -18.49 -39.03
C ALA A 167 11.59 -18.36 -37.64
N LEU A 168 11.88 -17.25 -36.94
CA LEU A 168 11.25 -16.91 -35.67
C LEU A 168 11.49 -15.43 -35.38
N VAL A 169 10.64 -14.89 -34.51
CA VAL A 169 10.76 -13.52 -34.04
C VAL A 169 11.15 -13.59 -32.57
N HIS A 170 12.12 -12.75 -32.19
CA HIS A 170 12.54 -12.66 -30.81
C HIS A 170 12.19 -11.28 -30.27
N LEU A 171 11.23 -11.24 -29.34
CA LEU A 171 10.79 -9.99 -28.75
C LEU A 171 11.24 -9.91 -27.29
N THR A 172 12.13 -8.97 -27.01
CA THR A 172 12.38 -8.56 -25.64
C THR A 172 11.22 -7.63 -25.27
N ALA A 173 10.30 -8.15 -24.45
CA ALA A 173 9.03 -7.47 -24.18
C ALA A 173 9.27 -6.22 -23.37
N LEU A 174 10.13 -6.34 -22.35
CA LEU A 174 10.64 -5.17 -21.65
C LEU A 174 12.16 -5.23 -21.67
N ALA A 175 12.76 -4.10 -22.13
CA ALA A 175 14.17 -3.98 -22.44
C ALA A 175 14.94 -3.64 -21.16
N SER A 176 16.15 -4.17 -21.03
CA SER A 176 16.96 -3.92 -19.84
C SER A 176 17.38 -2.45 -19.80
N HIS A 177 17.47 -1.83 -20.99
CA HIS A 177 18.10 -0.52 -21.13
C HIS A 177 17.07 0.60 -21.21
N ARG A 178 15.78 0.26 -21.30
CA ARG A 178 14.76 1.27 -21.48
C ARG A 178 13.40 0.70 -21.12
N GLY A 179 12.61 1.51 -20.41
CA GLY A 179 11.37 1.08 -19.80
C GLY A 179 10.18 1.17 -20.73
N ILE A 180 10.41 1.06 -22.04
CA ILE A 180 9.33 0.91 -22.99
C ILE A 180 8.76 -0.50 -22.83
N ALA A 181 7.43 -0.58 -22.65
CA ALA A 181 6.70 -1.83 -22.68
C ALA A 181 6.30 -2.10 -24.12
N GLN A 182 6.86 -3.17 -24.70
CA GLN A 182 6.60 -3.50 -26.09
C GLN A 182 5.19 -4.06 -26.20
N PRO A 183 4.43 -3.68 -27.26
CA PRO A 183 3.09 -4.25 -27.50
C PRO A 183 3.17 -5.74 -27.83
N ALA A 184 3.35 -6.54 -26.78
CA ALA A 184 3.82 -7.91 -26.90
C ALA A 184 2.74 -8.78 -27.55
N ALA A 185 1.51 -8.67 -27.03
CA ALA A 185 0.44 -9.57 -27.41
C ALA A 185 0.06 -9.33 -28.88
N GLU A 186 0.03 -8.05 -29.29
CA GLU A 186 -0.42 -7.69 -30.64
C GLU A 186 0.68 -8.01 -31.66
N LEU A 187 1.96 -7.91 -31.24
CA LEU A 187 3.03 -8.37 -32.11
C LEU A 187 2.98 -9.89 -32.24
N VAL A 188 2.61 -10.59 -31.16
CA VAL A 188 2.62 -12.04 -31.17
C VAL A 188 1.53 -12.56 -32.10
N GLU A 189 0.38 -11.87 -32.17
CA GLU A 189 -0.66 -12.30 -33.09
C GLU A 189 -0.22 -11.97 -34.51
N ALA A 190 0.28 -10.75 -34.75
CA ALA A 190 0.82 -10.35 -36.04
C ALA A 190 1.79 -11.41 -36.58
N CYS A 191 2.70 -11.87 -35.70
CA CYS A 191 3.72 -12.85 -36.05
C CYS A 191 3.08 -14.22 -36.32
N HIS A 192 2.03 -14.54 -35.56
CA HIS A 192 1.32 -15.78 -35.73
C HIS A 192 0.50 -15.78 -37.02
N ASN A 193 -0.11 -14.62 -37.36
CA ASN A 193 -0.83 -14.42 -38.61
C ASN A 193 0.09 -14.60 -39.82
N ALA A 194 1.40 -14.35 -39.65
CA ALA A 194 2.37 -14.62 -40.70
C ALA A 194 2.95 -16.04 -40.59
N GLY A 195 2.47 -16.85 -39.64
CA GLY A 195 2.92 -18.24 -39.50
C GLY A 195 4.32 -18.37 -38.91
N ILE A 196 4.69 -17.44 -38.01
CA ILE A 196 6.04 -17.34 -37.48
C ILE A 196 5.98 -17.43 -35.94
N PRO A 197 6.80 -18.30 -35.30
CA PRO A 197 6.83 -18.40 -33.84
C PRO A 197 7.48 -17.19 -33.17
N VAL A 198 7.11 -16.93 -31.91
CA VAL A 198 7.67 -15.82 -31.16
C VAL A 198 8.35 -16.35 -29.88
N VAL A 199 9.63 -16.01 -29.73
CA VAL A 199 10.35 -16.16 -28.49
C VAL A 199 10.33 -14.82 -27.76
N ILE A 200 10.00 -14.85 -26.47
CA ILE A 200 10.01 -13.64 -25.68
C ILE A 200 11.07 -13.75 -24.58
N ASP A 201 11.93 -12.73 -24.55
CA ASP A 201 12.81 -12.43 -23.43
C ASP A 201 12.01 -11.61 -22.41
N ALA A 202 11.58 -12.32 -21.36
CA ALA A 202 10.79 -11.72 -20.30
C ALA A 202 11.62 -11.61 -19.02
N ALA A 203 12.94 -11.49 -19.17
CA ALA A 203 13.83 -11.33 -18.02
C ALA A 203 13.35 -10.13 -17.21
N GLN A 204 13.08 -9.05 -17.94
CA GLN A 204 12.63 -7.79 -17.38
C GLN A 204 11.11 -7.88 -17.19
N ALA A 205 10.38 -8.31 -18.24
CA ALA A 205 8.92 -8.26 -18.29
C ALA A 205 8.23 -9.19 -17.28
N LEU A 206 8.79 -10.37 -17.01
CA LEU A 206 8.11 -11.29 -16.12
C LEU A 206 8.08 -10.67 -14.73
N GLY A 207 6.89 -10.26 -14.27
CA GLY A 207 6.78 -9.59 -12.98
C GLY A 207 6.23 -8.18 -13.06
N HIS A 208 6.39 -7.45 -14.20
CA HIS A 208 5.63 -6.21 -14.40
C HIS A 208 5.07 -5.99 -15.80
N LEU A 209 5.01 -7.03 -16.64
CA LEU A 209 4.18 -6.94 -17.83
C LEU A 209 3.32 -8.20 -17.91
N ASP A 210 2.07 -8.03 -18.38
CA ASP A 210 1.22 -9.17 -18.67
C ASP A 210 1.97 -10.05 -19.68
N CYS A 211 2.57 -11.16 -19.21
CA CYS A 211 3.39 -12.03 -20.05
C CYS A 211 2.55 -13.17 -20.63
N ASN A 212 1.22 -13.07 -20.44
CA ASN A 212 0.28 -14.00 -21.04
C ASN A 212 -0.21 -13.40 -22.37
N VAL A 213 0.45 -13.76 -23.49
CA VAL A 213 0.36 -13.01 -24.74
C VAL A 213 0.41 -13.90 -25.99
N GLY A 214 0.59 -15.22 -25.84
CA GLY A 214 0.53 -16.16 -26.96
C GLY A 214 1.91 -16.61 -27.44
N ALA A 215 2.98 -16.20 -26.76
CA ALA A 215 4.34 -16.55 -27.18
C ALA A 215 4.55 -18.06 -27.22
N ASP A 216 5.48 -18.51 -28.07
CA ASP A 216 5.75 -19.92 -28.27
C ASP A 216 6.85 -20.40 -27.34
N ALA A 217 7.78 -19.50 -27.01
CA ALA A 217 8.70 -19.70 -25.90
C ALA A 217 8.82 -18.39 -25.13
N VAL A 218 8.99 -18.50 -23.82
CA VAL A 218 9.29 -17.36 -22.97
C VAL A 218 10.42 -17.77 -22.04
N TYR A 219 11.24 -16.78 -21.63
CA TYR A 219 12.24 -17.03 -20.61
C TYR A 219 12.46 -15.78 -19.78
N SER A 220 12.95 -16.03 -18.56
CA SER A 220 13.19 -14.96 -17.60
C SER A 220 14.16 -15.47 -16.55
N SER A 221 14.49 -14.55 -15.63
CA SER A 221 15.46 -14.77 -14.58
C SER A 221 14.77 -14.64 -13.22
N SER A 222 15.35 -15.32 -12.21
CA SER A 222 14.77 -15.33 -10.87
C SER A 222 14.99 -14.00 -10.16
N ARG A 223 16.18 -13.41 -10.36
CA ARG A 223 16.76 -12.47 -9.42
C ARG A 223 16.14 -11.08 -9.54
N LYS A 224 15.34 -10.82 -10.59
CA LYS A 224 14.86 -9.48 -10.87
C LYS A 224 13.47 -9.28 -10.25
N TRP A 225 12.47 -8.89 -11.05
CA TRP A 225 11.21 -8.41 -10.50
C TRP A 225 10.50 -9.47 -9.65
N LEU A 226 10.81 -10.75 -9.88
CA LEU A 226 10.26 -11.82 -9.05
C LEU A 226 11.03 -11.95 -7.75
N ALA A 227 12.16 -11.24 -7.65
CA ALA A 227 12.95 -11.10 -6.45
C ALA A 227 13.24 -12.47 -5.80
N GLY A 228 13.68 -13.41 -6.61
CA GLY A 228 14.16 -14.70 -6.13
C GLY A 228 15.68 -14.80 -6.23
N PRO A 229 16.28 -15.96 -5.89
CA PRO A 229 17.74 -16.13 -5.93
C PRO A 229 18.40 -15.93 -7.30
N ARG A 230 19.67 -15.54 -7.28
CA ARG A 230 20.50 -15.55 -8.48
C ARG A 230 20.84 -16.99 -8.83
N GLY A 231 21.22 -17.21 -10.09
CA GLY A 231 21.61 -18.52 -10.56
C GLY A 231 20.43 -19.34 -11.08
N VAL A 232 19.25 -18.71 -11.12
CA VAL A 232 18.05 -19.35 -11.62
C VAL A 232 17.41 -18.46 -12.67
N GLY A 233 16.99 -19.13 -13.76
CA GLY A 233 16.06 -18.57 -14.72
C GLY A 233 15.10 -19.66 -15.20
N VAL A 234 14.16 -19.27 -16.05
CA VAL A 234 13.17 -20.20 -16.55
C VAL A 234 13.12 -20.10 -18.07
N LEU A 235 12.81 -21.23 -18.70
CA LEU A 235 12.52 -21.28 -20.12
C LEU A 235 11.26 -22.11 -20.32
N ALA A 236 10.29 -21.54 -21.05
CA ALA A 236 9.04 -22.24 -21.35
C ALA A 236 8.90 -22.36 -22.86
N VAL A 237 8.57 -23.58 -23.32
CA VAL A 237 8.44 -23.85 -24.75
C VAL A 237 7.21 -24.73 -24.98
N ARG A 238 6.34 -24.24 -25.87
CA ARG A 238 5.10 -24.91 -26.26
C ARG A 238 5.44 -26.24 -26.94
N PRO A 239 4.72 -27.35 -26.60
CA PRO A 239 5.15 -28.69 -26.98
C PRO A 239 5.35 -28.95 -28.48
N GLU A 240 4.59 -28.22 -29.32
CA GLU A 240 4.73 -28.25 -30.78
C GLU A 240 6.16 -27.87 -31.15
N LEU A 241 6.62 -26.76 -30.53
CA LEU A 241 7.96 -26.24 -30.72
C LEU A 241 8.98 -27.08 -29.97
N ALA A 242 8.68 -27.42 -28.72
CA ALA A 242 9.59 -28.17 -27.88
C ALA A 242 10.10 -29.41 -28.61
N GLU A 243 9.20 -30.14 -29.27
CA GLU A 243 9.58 -31.45 -29.79
C GLU A 243 10.27 -31.30 -31.16
N ARG A 244 10.15 -30.13 -31.81
CA ARG A 244 10.90 -29.83 -33.03
C ARG A 244 12.39 -29.54 -32.74
N LEU A 245 12.69 -29.11 -31.50
CA LEU A 245 14.00 -28.70 -31.05
C LEU A 245 14.95 -29.89 -30.97
N GLN A 246 16.25 -29.60 -31.21
CA GLN A 246 17.32 -30.60 -31.26
C GLN A 246 18.46 -30.18 -30.33
N PRO A 247 18.39 -30.52 -29.02
CA PRO A 247 19.48 -30.22 -28.07
C PRO A 247 20.88 -30.55 -28.55
N ARG A 248 21.79 -29.58 -28.37
CA ARG A 248 23.20 -29.71 -28.74
C ARG A 248 23.82 -30.86 -27.95
N ILE A 249 23.53 -30.89 -26.64
CA ILE A 249 24.04 -31.89 -25.72
C ILE A 249 22.83 -32.47 -24.99
N PRO A 250 22.72 -33.81 -24.85
CA PRO A 250 23.59 -34.75 -25.57
C PRO A 250 23.40 -34.63 -27.07
N PRO A 251 24.24 -35.31 -27.89
CA PRO A 251 24.03 -35.40 -29.34
C PRO A 251 22.67 -36.01 -29.70
N SER A 252 22.18 -35.63 -30.90
CA SER A 252 20.85 -35.99 -31.37
C SER A 252 20.76 -37.50 -31.64
N ASP A 253 21.91 -38.18 -31.80
CA ASP A 253 21.98 -39.64 -31.83
C ASP A 253 22.12 -40.17 -30.39
N TRP A 254 20.99 -40.18 -29.66
CA TRP A 254 20.96 -40.33 -28.21
C TRP A 254 20.50 -41.73 -27.79
N PRO A 255 21.43 -42.63 -27.35
CA PRO A 255 21.07 -43.82 -26.56
C PRO A 255 20.03 -43.70 -25.43
N ILE A 256 20.12 -42.62 -24.61
CA ILE A 256 19.25 -42.44 -23.46
C ILE A 256 17.97 -41.72 -23.91
N PRO A 257 16.77 -42.22 -23.52
CA PRO A 257 15.50 -41.61 -23.94
C PRO A 257 14.90 -40.61 -22.95
N MET A 258 15.20 -39.32 -23.15
CA MET A 258 14.57 -38.23 -22.39
C MET A 258 14.07 -37.17 -23.36
N SER A 259 13.05 -36.41 -22.91
CA SER A 259 12.40 -35.43 -23.77
C SER A 259 13.33 -34.24 -24.03
N VAL A 260 13.01 -33.45 -25.05
CA VAL A 260 13.76 -32.26 -25.39
C VAL A 260 13.91 -31.38 -24.14
N LEU A 261 12.82 -31.17 -23.39
CA LEU A 261 12.88 -30.26 -22.25
C LEU A 261 13.74 -30.88 -21.16
N GLU A 262 13.63 -32.21 -20.97
CA GLU A 262 14.46 -32.90 -19.99
C GLU A 262 15.94 -32.71 -20.32
N LYS A 263 16.27 -32.77 -21.62
CA LYS A 263 17.62 -32.49 -22.10
C LYS A 263 18.01 -31.05 -21.77
N LEU A 264 17.13 -30.09 -22.06
CA LEU A 264 17.39 -28.67 -21.80
C LEU A 264 17.62 -28.38 -20.31
N GLU A 265 16.97 -29.16 -19.42
CA GLU A 265 17.05 -28.92 -17.99
C GLU A 265 18.17 -29.73 -17.31
N LEU A 266 18.89 -30.54 -18.11
CA LEU A 266 19.91 -31.44 -17.61
C LEU A 266 21.11 -30.59 -17.15
N GLY A 267 21.65 -30.91 -15.96
CA GLY A 267 22.89 -30.30 -15.48
C GLY A 267 22.81 -29.88 -14.01
N GLU A 268 23.97 -30.00 -13.32
CA GLU A 268 24.17 -29.54 -11.95
C GLU A 268 23.67 -28.10 -11.79
N HIS A 269 23.19 -27.79 -10.59
CA HIS A 269 22.52 -26.52 -10.37
C HIS A 269 22.28 -26.35 -8.88
N ASN A 270 22.01 -25.10 -8.47
CA ASN A 270 21.61 -24.84 -7.09
C ASN A 270 20.12 -25.12 -7.01
N ALA A 271 19.77 -26.34 -6.59
CA ALA A 271 18.38 -26.69 -6.35
C ALA A 271 17.80 -25.77 -5.27
N ALA A 272 18.59 -25.56 -4.21
CA ALA A 272 18.18 -24.65 -3.15
C ALA A 272 17.61 -23.37 -3.77
N ALA A 273 18.38 -22.78 -4.70
CA ALA A 273 18.03 -21.50 -5.33
C ALA A 273 16.71 -21.66 -6.06
N ARG A 274 16.54 -22.82 -6.70
CA ARG A 274 15.33 -23.12 -7.45
C ARG A 274 14.12 -23.18 -6.50
N VAL A 275 14.25 -23.86 -5.35
CA VAL A 275 13.15 -23.85 -4.39
C VAL A 275 12.98 -22.41 -3.89
N GLY A 276 14.09 -21.73 -3.60
CA GLY A 276 14.04 -20.30 -3.31
C GLY A 276 13.18 -19.55 -4.31
N PHE A 277 13.47 -19.78 -5.61
CA PHE A 277 12.75 -19.12 -6.69
C PHE A 277 11.25 -19.41 -6.54
N SER A 278 10.91 -20.70 -6.37
CA SER A 278 9.52 -21.14 -6.32
C SER A 278 8.72 -20.33 -5.30
N VAL A 279 9.28 -20.21 -4.09
CA VAL A 279 8.76 -19.35 -3.03
C VAL A 279 8.49 -17.95 -3.60
N ALA A 280 9.52 -17.39 -4.25
CA ALA A 280 9.50 -16.02 -4.72
C ALA A 280 8.41 -15.78 -5.77
N VAL A 281 8.19 -16.76 -6.66
CA VAL A 281 7.13 -16.65 -7.66
C VAL A 281 5.80 -16.70 -6.92
N GLY A 282 5.66 -17.78 -6.11
CA GLY A 282 4.52 -17.97 -5.23
C GLY A 282 4.11 -16.65 -4.58
N GLU A 283 5.13 -15.96 -4.05
CA GLU A 283 4.94 -14.69 -3.37
C GLU A 283 4.38 -13.61 -4.32
N HIS A 284 4.69 -13.69 -5.62
CA HIS A 284 4.21 -12.71 -6.58
C HIS A 284 2.72 -12.95 -6.80
N LEU A 285 2.39 -14.22 -7.09
CA LEU A 285 1.02 -14.69 -7.21
C LEU A 285 0.23 -14.31 -5.95
N ALA A 286 0.80 -14.66 -4.79
CA ALA A 286 0.21 -14.38 -3.49
C ALA A 286 -0.19 -12.91 -3.36
N ALA A 287 0.66 -11.99 -3.86
CA ALA A 287 0.47 -10.56 -3.71
C ALA A 287 -0.57 -10.04 -4.71
N GLY A 288 -0.87 -10.87 -5.72
CA GLY A 288 -1.74 -10.46 -6.81
C GLY A 288 -0.93 -9.94 -7.99
N PRO A 289 -0.63 -10.79 -9.00
CA PRO A 289 0.10 -10.35 -10.19
C PRO A 289 -0.36 -8.98 -10.68
N THR A 290 -1.67 -8.85 -10.89
CA THR A 290 -2.25 -7.69 -11.55
C THR A 290 -2.09 -6.46 -10.66
N ALA A 291 -2.28 -6.69 -9.36
CA ALA A 291 -2.06 -5.67 -8.34
C ALA A 291 -0.63 -5.15 -8.40
N VAL A 292 0.34 -6.06 -8.53
CA VAL A 292 1.75 -5.70 -8.46
C VAL A 292 2.14 -4.87 -9.69
N ARG A 293 1.73 -5.30 -10.88
CA ARG A 293 2.07 -4.62 -12.12
C ARG A 293 1.54 -3.18 -12.13
N GLU A 294 0.32 -2.99 -11.63
CA GLU A 294 -0.29 -1.67 -11.58
C GLU A 294 0.56 -0.74 -10.70
N ARG A 295 1.06 -1.25 -9.58
CA ARG A 295 1.93 -0.48 -8.70
C ARG A 295 3.24 -0.14 -9.42
N LEU A 296 3.84 -1.15 -10.06
CA LEU A 296 5.11 -0.95 -10.74
C LEU A 296 4.95 0.13 -11.81
N ALA A 297 3.80 0.12 -12.50
CA ALA A 297 3.48 1.13 -13.50
C ALA A 297 3.39 2.52 -12.86
N GLU A 298 2.71 2.57 -11.71
CA GLU A 298 2.64 3.79 -10.92
C GLU A 298 4.04 4.23 -10.51
N VAL A 299 4.87 3.29 -10.03
CA VAL A 299 6.23 3.59 -9.61
C VAL A 299 6.95 4.35 -10.73
N GLY A 300 6.76 3.88 -11.97
CA GLY A 300 7.33 4.55 -13.13
C GLY A 300 6.82 5.98 -13.25
N ARG A 301 5.48 6.12 -13.22
CA ARG A 301 4.85 7.42 -13.30
C ARG A 301 5.52 8.35 -12.30
N LEU A 302 5.44 7.99 -11.00
CA LEU A 302 6.00 8.79 -9.92
C LEU A 302 7.47 9.09 -10.20
N SER A 303 8.21 8.04 -10.58
CA SER A 303 9.65 8.12 -10.81
C SER A 303 9.93 9.18 -11.86
N ARG A 304 9.11 9.21 -12.91
CA ARG A 304 9.34 10.09 -14.05
C ARG A 304 8.81 11.50 -13.75
N GLN A 305 7.71 11.58 -12.98
CA GLN A 305 7.16 12.86 -12.55
C GLN A 305 8.15 13.52 -11.60
N VAL A 306 8.68 12.74 -10.64
CA VAL A 306 9.67 13.24 -9.70
C VAL A 306 10.95 13.67 -10.42
N LEU A 307 11.32 12.96 -11.51
CA LEU A 307 12.60 13.20 -12.17
C LEU A 307 12.43 14.10 -13.39
N ALA A 308 11.18 14.49 -13.69
CA ALA A 308 10.90 15.34 -14.85
C ALA A 308 11.67 16.66 -14.76
N GLU A 309 12.12 17.01 -13.54
CA GLU A 309 12.78 18.29 -13.31
C GLU A 309 14.18 18.06 -12.73
N VAL A 310 15.13 17.64 -13.59
CA VAL A 310 16.52 17.52 -13.17
C VAL A 310 17.44 18.03 -14.29
N ASP A 311 18.34 18.95 -13.93
CA ASP A 311 19.32 19.47 -14.86
C ASP A 311 20.43 18.46 -15.08
N GLY A 312 20.80 18.27 -16.34
CA GLY A 312 21.89 17.39 -16.72
C GLY A 312 21.45 15.92 -16.87
N TRP A 313 20.13 15.73 -16.95
CA TRP A 313 19.50 14.42 -16.90
C TRP A 313 18.10 14.53 -17.51
N ARG A 314 17.89 13.88 -18.66
CA ARG A 314 16.58 13.85 -19.30
C ARG A 314 15.97 12.45 -19.11
N VAL A 315 14.71 12.40 -18.70
CA VAL A 315 13.93 11.18 -18.62
C VAL A 315 13.61 10.73 -20.05
N VAL A 316 13.77 9.43 -20.34
CA VAL A 316 13.76 8.94 -21.70
C VAL A 316 12.39 8.39 -22.08
N GLU A 317 11.74 7.70 -21.12
CA GLU A 317 10.48 7.01 -21.39
C GLU A 317 9.32 7.99 -21.26
N PRO A 318 8.31 7.94 -22.17
CA PRO A 318 7.02 8.59 -21.91
C PRO A 318 6.37 8.28 -20.55
N VAL A 319 5.82 9.33 -19.94
CA VAL A 319 5.55 9.40 -18.51
C VAL A 319 4.77 8.16 -18.07
N ASP A 320 3.82 7.72 -18.91
CA ASP A 320 2.81 6.74 -18.52
C ASP A 320 3.10 5.38 -19.17
N GLN A 321 4.37 5.08 -19.43
CA GLN A 321 4.76 3.73 -19.81
C GLN A 321 4.57 2.83 -18.58
N PRO A 322 3.80 1.72 -18.69
CA PRO A 322 3.43 0.90 -17.54
C PRO A 322 4.56 0.01 -17.05
N THR A 323 5.52 0.63 -16.36
CA THR A 323 6.86 0.08 -16.20
C THR A 323 7.53 0.78 -15.02
N ALA A 324 8.46 0.09 -14.33
CA ALA A 324 9.20 0.66 -13.21
C ALA A 324 10.60 1.11 -13.64
N ILE A 325 11.05 0.62 -14.80
CA ILE A 325 12.28 1.07 -15.43
C ILE A 325 12.08 2.46 -16.04
N THR A 326 12.79 3.43 -15.46
CA THR A 326 12.97 4.74 -16.05
C THR A 326 14.48 4.98 -16.21
N THR A 327 14.84 5.65 -17.31
CA THR A 327 16.23 5.87 -17.68
C THR A 327 16.46 7.35 -17.95
N LEU A 328 17.68 7.78 -17.61
CA LEU A 328 18.09 9.17 -17.66
C LEU A 328 19.28 9.27 -18.60
N GLU A 329 19.16 10.15 -19.61
CA GLU A 329 20.25 10.47 -20.51
C GLU A 329 20.90 11.78 -20.06
N SER A 330 22.24 11.77 -19.92
CA SER A 330 22.96 12.95 -19.46
C SER A 330 23.01 13.98 -20.59
N THR A 331 22.61 15.22 -20.27
CA THR A 331 22.51 16.30 -21.24
C THR A 331 23.78 17.16 -21.25
N ASP A 332 24.73 16.83 -20.37
CA ASP A 332 26.03 17.49 -20.33
C ASP A 332 27.12 16.43 -20.15
N GLY A 333 27.10 15.41 -21.02
CA GLY A 333 28.21 14.48 -21.21
C GLY A 333 28.64 13.69 -19.97
N ALA A 334 27.80 13.62 -18.92
CA ALA A 334 28.13 12.88 -17.71
C ALA A 334 28.07 11.38 -18.01
N ASP A 335 29.03 10.61 -17.46
CA ASP A 335 29.06 9.18 -17.66
C ASP A 335 28.32 8.49 -16.52
N PRO A 336 27.23 7.71 -16.82
CA PRO A 336 26.35 7.18 -15.77
C PRO A 336 27.07 6.13 -14.91
N ALA A 337 27.88 5.28 -15.57
CA ALA A 337 28.74 4.34 -14.86
C ALA A 337 29.34 5.00 -13.62
N SER A 338 29.83 6.26 -13.75
CA SER A 338 30.52 6.97 -12.69
C SER A 338 29.51 7.44 -11.65
N VAL A 339 28.45 8.07 -12.14
CA VAL A 339 27.35 8.58 -11.32
C VAL A 339 26.82 7.45 -10.43
N ARG A 340 26.65 6.25 -11.04
CA ARG A 340 26.15 5.08 -10.35
C ARG A 340 27.05 4.75 -9.17
N SER A 341 28.37 4.66 -9.43
CA SER A 341 29.30 4.19 -8.41
C SER A 341 29.53 5.29 -7.37
N TRP A 342 29.30 6.54 -7.77
CA TRP A 342 29.21 7.63 -6.81
C TRP A 342 27.99 7.42 -5.91
N LEU A 343 26.80 7.37 -6.54
CA LEU A 343 25.53 7.20 -5.85
C LEU A 343 25.61 6.08 -4.81
N ILE A 344 26.32 4.99 -5.13
CA ILE A 344 26.43 3.83 -4.26
C ILE A 344 27.37 4.15 -3.09
N ALA A 345 28.59 4.61 -3.42
CA ALA A 345 29.65 4.80 -2.43
C ALA A 345 29.33 5.97 -1.48
N GLU A 346 28.64 7.01 -1.98
CA GLU A 346 28.44 8.23 -1.21
C GLU A 346 27.08 8.20 -0.50
N ARG A 347 26.03 7.76 -1.19
CA ARG A 347 24.67 7.97 -0.69
C ARG A 347 23.89 6.65 -0.58
N GLY A 348 24.56 5.50 -0.73
CA GLY A 348 23.94 4.19 -0.59
C GLY A 348 22.83 3.90 -1.60
N ILE A 349 22.69 4.73 -2.64
CA ILE A 349 21.62 4.57 -3.63
C ILE A 349 22.13 3.65 -4.74
N VAL A 350 21.46 2.51 -4.93
CA VAL A 350 21.88 1.51 -5.91
C VAL A 350 21.13 1.74 -7.22
N THR A 351 21.90 1.95 -8.30
CA THR A 351 21.36 2.12 -9.64
C THR A 351 22.15 1.22 -10.59
N THR A 352 21.66 1.12 -11.84
CA THR A 352 22.37 0.39 -12.89
C THR A 352 22.73 1.38 -13.99
N ALA A 353 23.89 1.19 -14.58
CA ALA A 353 24.39 2.10 -15.61
C ALA A 353 24.50 1.34 -16.92
N CYS A 354 23.67 1.71 -17.89
CA CYS A 354 23.49 0.89 -19.08
C CYS A 354 24.43 1.34 -20.20
N GLU A 355 25.48 0.54 -20.50
CA GLU A 355 26.42 0.93 -21.54
C GLU A 355 25.82 0.55 -22.90
N LEU A 356 26.46 0.99 -23.99
CA LEU A 356 25.85 0.90 -25.30
C LEU A 356 25.67 -0.56 -25.68
N ALA A 357 26.58 -1.42 -25.17
CA ALA A 357 26.62 -2.84 -25.50
C ALA A 357 25.31 -3.53 -25.15
N ARG A 358 24.52 -2.92 -24.27
CA ARG A 358 23.21 -3.41 -23.87
C ARG A 358 22.21 -3.41 -25.02
N ALA A 359 22.34 -2.45 -25.94
CA ALA A 359 21.47 -2.36 -27.10
C ALA A 359 22.20 -1.65 -28.22
N PRO A 360 23.21 -2.31 -28.85
CA PRO A 360 24.13 -1.63 -29.76
C PRO A 360 23.43 -0.87 -30.89
N PHE A 361 22.31 -1.44 -31.40
CA PHE A 361 21.72 -0.93 -32.63
C PHE A 361 20.55 0.01 -32.33
N GLU A 362 20.56 0.64 -31.15
CA GLU A 362 19.51 1.56 -30.74
C GLU A 362 20.11 2.62 -29.80
N MET A 363 20.82 2.18 -28.78
CA MET A 363 21.49 3.11 -27.89
C MET A 363 22.63 3.78 -28.66
N ARG A 364 22.50 5.11 -28.82
CA ARG A 364 23.58 5.93 -29.32
C ARG A 364 24.39 6.45 -28.13
N THR A 365 23.83 6.35 -26.91
CA THR A 365 24.42 7.01 -25.75
C THR A 365 23.93 6.36 -24.44
N PRO A 366 24.85 6.13 -23.46
CA PRO A 366 24.52 5.38 -22.24
C PRO A 366 23.52 6.11 -21.36
N VAL A 367 22.97 5.41 -20.34
CA VAL A 367 21.91 5.96 -19.49
C VAL A 367 22.00 5.40 -18.07
N LEU A 368 21.45 6.15 -17.11
CA LEU A 368 21.31 5.71 -15.72
C LEU A 368 19.90 5.15 -15.53
N ARG A 369 19.81 3.93 -14.95
CA ARG A 369 18.54 3.23 -14.87
C ARG A 369 18.09 3.06 -13.42
N ILE A 370 17.05 3.82 -13.07
CA ILE A 370 16.21 3.56 -11.92
C ILE A 370 15.27 2.41 -12.29
N SER A 371 15.22 1.37 -11.43
CA SER A 371 14.28 0.27 -11.56
C SER A 371 13.83 -0.16 -10.18
N PRO A 372 13.04 0.67 -9.46
CA PRO A 372 12.65 0.42 -8.07
C PRO A 372 11.37 -0.42 -8.04
N HIS A 373 11.16 -1.14 -6.94
CA HIS A 373 10.02 -2.04 -6.85
C HIS A 373 8.84 -1.28 -6.24
N VAL A 374 7.83 -2.03 -5.76
CA VAL A 374 6.59 -1.48 -5.22
C VAL A 374 6.86 -0.63 -3.99
N ASP A 375 7.87 -1.06 -3.20
CA ASP A 375 8.21 -0.54 -1.89
C ASP A 375 8.60 0.93 -1.93
N VAL A 376 9.08 1.43 -3.09
CA VAL A 376 9.64 2.78 -3.17
C VAL A 376 8.59 3.80 -2.72
N THR A 377 9.07 4.86 -2.05
CA THR A 377 8.26 5.99 -1.63
C THR A 377 8.61 7.21 -2.47
N VAL A 378 7.78 8.26 -2.37
CA VAL A 378 8.04 9.49 -3.12
C VAL A 378 9.22 10.22 -2.47
N ASP A 379 9.39 10.06 -1.15
CA ASP A 379 10.56 10.57 -0.46
C ASP A 379 11.81 10.08 -1.18
N GLU A 380 11.87 8.75 -1.37
CA GLU A 380 13.05 8.06 -1.88
C GLU A 380 13.34 8.51 -3.30
N LEU A 381 12.29 8.56 -4.13
CA LEU A 381 12.43 9.09 -5.48
C LEU A 381 12.94 10.53 -5.42
N GLU A 382 12.51 11.28 -4.39
CA GLU A 382 12.93 12.66 -4.18
C GLU A 382 14.36 12.69 -3.64
N GLN A 383 14.69 11.79 -2.70
CA GLN A 383 16.05 11.62 -2.23
C GLN A 383 16.98 11.34 -3.40
N PHE A 384 16.51 10.53 -4.36
CA PHE A 384 17.30 10.21 -5.53
C PHE A 384 17.54 11.48 -6.35
N ALA A 385 16.44 12.14 -6.74
CA ALA A 385 16.47 13.37 -7.53
C ALA A 385 17.46 14.36 -6.93
N ALA A 386 17.30 14.61 -5.62
CA ALA A 386 18.24 15.41 -4.84
C ALA A 386 19.67 14.92 -5.04
N ALA A 387 19.95 13.67 -4.61
CA ALA A 387 21.29 13.09 -4.67
C ALA A 387 21.85 13.09 -6.09
N LEU A 388 20.96 13.12 -7.09
CA LEU A 388 21.37 13.16 -8.48
C LEU A 388 21.97 14.53 -8.79
N ARG A 389 21.36 15.60 -8.23
CA ARG A 389 21.83 16.97 -8.43
C ARG A 389 23.22 17.15 -7.81
N GLU A 390 23.35 16.80 -6.52
CA GLU A 390 24.60 16.94 -5.78
C GLU A 390 25.73 16.10 -6.37
N ALA A 391 25.45 15.27 -7.39
CA ALA A 391 26.42 14.33 -7.94
C ALA A 391 27.45 15.05 -8.81
N PRO A 392 28.77 14.76 -8.66
CA PRO A 392 29.84 15.45 -9.39
C PRO A 392 30.14 14.91 -10.80
N HIS B 20 -21.07 27.15 30.28
CA HIS B 20 -22.33 26.67 30.91
C HIS B 20 -22.10 26.36 32.39
N MET B 21 -20.83 26.20 32.81
CA MET B 21 -20.48 25.67 34.13
C MET B 21 -19.41 26.56 34.81
N VAL B 22 -19.17 26.29 36.10
CA VAL B 22 -17.97 26.73 36.83
C VAL B 22 -17.39 25.55 37.61
N MET B 23 -16.07 25.56 37.74
CA MET B 23 -15.30 24.41 38.21
C MET B 23 -15.73 23.23 37.34
N LEU B 24 -15.43 23.38 36.04
CA LEU B 24 -15.75 22.39 35.04
C LEU B 24 -14.94 21.11 35.26
N ALA B 25 -13.61 21.28 35.31
CA ALA B 25 -12.71 20.15 35.50
C ALA B 25 -13.18 19.33 36.71
N GLN B 26 -13.66 20.04 37.74
CA GLN B 26 -13.97 19.44 39.03
C GLN B 26 -15.31 18.73 38.93
N GLN B 27 -16.35 19.43 38.39
CA GLN B 27 -17.67 18.85 38.21
C GLN B 27 -17.58 17.55 37.42
N TRP B 28 -16.75 17.60 36.36
CA TRP B 28 -16.55 16.46 35.47
C TRP B 28 -16.03 15.27 36.26
N ARG B 29 -14.90 15.48 36.94
CA ARG B 29 -14.25 14.44 37.72
C ARG B 29 -15.26 13.75 38.63
N ASP B 30 -16.02 14.57 39.37
CA ASP B 30 -16.83 14.10 40.49
C ASP B 30 -18.13 13.45 39.98
N ALA B 31 -18.50 13.75 38.73
CA ALA B 31 -19.67 13.16 38.08
C ALA B 31 -19.43 11.69 37.71
N ARG B 32 -18.16 11.23 37.81
CA ARG B 32 -17.73 9.89 37.43
C ARG B 32 -17.14 9.17 38.62
N PRO B 33 -17.10 7.81 38.58
CA PRO B 33 -16.37 7.00 39.56
C PRO B 33 -14.95 7.49 39.79
N LYS B 34 -14.42 7.21 40.99
CA LYS B 34 -13.05 7.58 41.29
C LYS B 34 -12.12 6.65 40.52
N VAL B 35 -11.14 7.26 39.84
CA VAL B 35 -10.13 6.54 39.08
C VAL B 35 -9.35 5.68 40.06
N ALA B 36 -9.20 4.38 39.73
CA ALA B 36 -8.42 3.44 40.54
C ALA B 36 -6.99 3.95 40.66
N GLY B 37 -6.30 4.10 39.53
CA GLY B 37 -4.97 4.70 39.50
C GLY B 37 -5.02 6.12 38.95
N LEU B 38 -4.48 6.31 37.74
CA LEU B 38 -4.49 7.60 37.06
C LEU B 38 -4.73 7.39 35.56
N HIS B 39 -5.84 7.94 35.06
CA HIS B 39 -6.40 7.58 33.77
C HIS B 39 -6.15 8.67 32.74
N LEU B 40 -5.23 8.44 31.79
CA LEU B 40 -4.94 9.44 30.77
C LEU B 40 -5.14 8.83 29.37
N ASP B 41 -6.36 8.32 29.15
CA ASP B 41 -6.67 7.59 27.94
C ASP B 41 -8.15 7.68 27.57
N SER B 42 -8.72 8.89 27.71
CA SER B 42 -10.08 9.14 27.27
C SER B 42 -10.15 9.05 25.74
N GLY B 43 -8.98 9.13 25.10
CA GLY B 43 -8.85 8.97 23.66
C GLY B 43 -9.08 7.54 23.19
N ALA B 44 -8.86 6.56 24.08
CA ALA B 44 -9.14 5.17 23.75
C ALA B 44 -10.53 4.80 24.28
N CYS B 45 -10.71 5.03 25.58
CA CYS B 45 -11.99 4.85 26.25
C CYS B 45 -11.97 5.71 27.51
N SER B 46 -12.86 6.72 27.51
CA SER B 46 -13.02 7.64 28.63
C SER B 46 -13.81 6.96 29.74
N ARG B 47 -14.41 7.77 30.62
CA ARG B 47 -15.04 7.29 31.85
C ARG B 47 -16.50 7.72 31.84
N GLN B 48 -17.39 6.76 32.12
CA GLN B 48 -18.81 7.03 32.15
C GLN B 48 -19.21 7.66 33.48
N SER B 49 -19.92 8.79 33.40
CA SER B 49 -20.59 9.37 34.55
C SER B 49 -21.55 8.36 35.16
N PHE B 50 -21.82 8.55 36.46
CA PHE B 50 -22.83 7.78 37.18
C PHE B 50 -24.16 7.83 36.45
N ALA B 51 -24.57 9.04 36.05
CA ALA B 51 -25.82 9.24 35.33
C ALA B 51 -25.88 8.33 34.09
N VAL B 52 -24.80 8.37 33.28
CA VAL B 52 -24.69 7.58 32.06
C VAL B 52 -24.79 6.10 32.40
N ILE B 53 -23.94 5.65 33.33
CA ILE B 53 -23.96 4.27 33.77
C ILE B 53 -25.40 3.90 34.17
N ASP B 54 -26.06 4.77 34.94
CA ASP B 54 -27.34 4.43 35.54
C ASP B 54 -28.43 4.46 34.48
N ALA B 55 -28.34 5.43 33.56
CA ALA B 55 -29.25 5.51 32.43
C ALA B 55 -29.25 4.20 31.65
N THR B 56 -28.07 3.58 31.53
CA THR B 56 -27.90 2.34 30.79
C THR B 56 -28.57 1.20 31.54
N THR B 57 -28.15 1.02 32.80
CA THR B 57 -28.65 -0.05 33.65
C THR B 57 -30.17 -0.01 33.65
N ALA B 58 -30.69 1.23 33.78
CA ALA B 58 -32.11 1.53 33.80
C ALA B 58 -32.80 0.92 32.59
N HIS B 59 -32.24 1.15 31.41
CA HIS B 59 -32.86 0.65 30.20
C HIS B 59 -32.97 -0.86 30.26
N ALA B 60 -31.88 -1.52 30.69
CA ALA B 60 -31.81 -2.97 30.78
C ALA B 60 -32.83 -3.52 31.78
N ARG B 61 -32.89 -2.87 32.95
CA ARG B 61 -33.93 -3.12 33.92
C ARG B 61 -35.30 -3.00 33.23
N HIS B 62 -35.49 -1.91 32.49
CA HIS B 62 -36.78 -1.62 31.89
C HIS B 62 -37.09 -2.67 30.82
N GLU B 63 -36.06 -3.14 30.10
CA GLU B 63 -36.24 -4.21 29.12
C GLU B 63 -36.95 -5.41 29.77
N ALA B 64 -36.57 -5.70 31.02
CA ALA B 64 -37.06 -6.87 31.74
C ALA B 64 -38.49 -6.65 32.24
N GLU B 65 -38.84 -5.39 32.54
CA GLU B 65 -40.18 -5.03 32.98
C GLU B 65 -41.16 -5.12 31.80
N VAL B 66 -41.00 -4.20 30.84
CA VAL B 66 -42.05 -3.89 29.90
C VAL B 66 -41.88 -4.68 28.59
N GLY B 67 -40.73 -5.34 28.41
CA GLY B 67 -40.40 -5.94 27.12
C GLY B 67 -39.28 -5.19 26.40
N GLY B 68 -38.44 -5.91 25.66
CA GLY B 68 -37.17 -5.35 25.22
C GLY B 68 -37.32 -4.29 24.12
N TYR B 69 -38.26 -4.57 23.21
CA TYR B 69 -38.49 -3.74 22.03
C TYR B 69 -39.50 -2.63 22.33
N VAL B 70 -40.33 -2.84 23.37
CA VAL B 70 -41.22 -1.79 23.84
C VAL B 70 -40.40 -0.79 24.64
N ALA B 71 -39.45 -1.29 25.43
CA ALA B 71 -38.52 -0.44 26.19
C ALA B 71 -37.79 0.49 25.23
N ALA B 72 -37.43 -0.05 24.05
CA ALA B 72 -36.66 0.66 23.03
C ALA B 72 -37.49 1.79 22.43
N GLU B 73 -38.70 1.42 21.98
CA GLU B 73 -39.73 2.36 21.58
C GLU B 73 -39.81 3.47 22.64
N ALA B 74 -40.09 3.09 23.88
CA ALA B 74 -40.19 4.02 25.01
C ALA B 74 -39.01 4.99 25.07
N ALA B 75 -37.81 4.53 24.70
CA ALA B 75 -36.61 5.33 24.82
C ALA B 75 -36.39 6.22 23.60
N THR B 76 -37.27 6.12 22.58
CA THR B 76 -37.13 6.90 21.36
C THR B 76 -36.85 8.38 21.66
N PRO B 77 -37.62 9.07 22.55
CA PRO B 77 -37.26 10.43 22.98
C PRO B 77 -35.78 10.64 23.29
N ALA B 78 -35.21 9.74 24.10
CA ALA B 78 -33.83 9.79 24.56
C ALA B 78 -32.86 9.54 23.41
N LEU B 79 -33.18 8.55 22.58
CA LEU B 79 -32.34 8.21 21.45
C LEU B 79 -32.25 9.42 20.52
N ASP B 80 -33.41 10.03 20.22
CA ASP B 80 -33.53 11.18 19.33
C ASP B 80 -32.84 12.40 19.94
N ALA B 81 -32.96 12.54 21.28
CA ALA B 81 -32.20 13.53 22.03
C ALA B 81 -30.74 13.52 21.58
N GLY B 82 -30.14 12.33 21.64
CA GLY B 82 -28.72 12.12 21.33
C GLY B 82 -28.38 12.48 19.88
N ARG B 83 -29.25 12.08 18.94
CA ARG B 83 -29.09 12.40 17.53
C ARG B 83 -28.99 13.91 17.36
N ALA B 84 -29.99 14.60 17.93
CA ALA B 84 -30.10 16.04 17.93
C ALA B 84 -28.81 16.68 18.47
N ALA B 85 -28.39 16.21 19.65
CA ALA B 85 -27.18 16.71 20.30
C ALA B 85 -26.00 16.54 19.36
N VAL B 86 -25.92 15.35 18.74
CA VAL B 86 -24.80 15.02 17.88
C VAL B 86 -24.88 15.96 16.67
N ALA B 87 -26.10 16.06 16.12
CA ALA B 87 -26.39 16.91 14.97
C ALA B 87 -25.93 18.34 15.24
N SER B 88 -26.17 18.84 16.46
CA SER B 88 -25.88 20.23 16.80
C SER B 88 -24.37 20.48 16.73
N LEU B 89 -23.58 19.45 17.07
CA LEU B 89 -22.13 19.54 17.20
C LEU B 89 -21.45 19.48 15.84
N ILE B 90 -22.19 19.01 14.81
CA ILE B 90 -21.65 18.80 13.47
C ILE B 90 -22.36 19.67 12.44
N GLY B 91 -23.44 20.33 12.90
CA GLY B 91 -24.27 21.18 12.06
C GLY B 91 -25.05 20.38 11.01
N PHE B 92 -25.54 19.18 11.41
CA PHE B 92 -26.44 18.42 10.57
C PHE B 92 -27.82 18.50 11.21
N ALA B 93 -28.82 17.91 10.52
CA ALA B 93 -30.12 17.64 11.10
C ALA B 93 -30.05 16.40 11.99
N ALA B 94 -30.85 16.38 13.06
CA ALA B 94 -30.96 15.20 13.92
C ALA B 94 -31.41 13.99 13.10
N SER B 95 -32.18 14.24 12.04
CA SER B 95 -32.70 13.17 11.21
C SER B 95 -31.64 12.65 10.25
N ASP B 96 -30.50 13.34 10.15
CA ASP B 96 -29.37 12.87 9.38
C ASP B 96 -28.49 11.90 10.18
N VAL B 97 -28.64 11.92 11.52
CA VAL B 97 -27.77 11.16 12.40
C VAL B 97 -28.37 9.80 12.65
N VAL B 98 -27.53 8.76 12.50
CA VAL B 98 -27.92 7.37 12.66
C VAL B 98 -26.93 6.71 13.64
N TYR B 99 -27.35 5.64 14.31
CA TYR B 99 -26.53 4.96 15.31
C TYR B 99 -25.79 3.79 14.68
N THR B 100 -24.55 3.57 15.15
CA THR B 100 -23.68 2.49 14.71
C THR B 100 -23.12 1.79 15.96
N SER B 101 -22.23 0.81 15.74
CA SER B 101 -21.52 0.15 16.84
C SER B 101 -20.24 0.91 17.16
N GLY B 102 -19.81 1.80 16.25
CA GLY B 102 -18.55 2.53 16.40
C GLY B 102 -18.19 3.23 15.09
N SER B 103 -17.05 3.92 15.08
CA SER B 103 -16.60 4.66 13.89
C SER B 103 -16.09 3.76 12.75
N ASN B 104 -15.96 2.44 12.98
CA ASN B 104 -15.51 1.56 11.92
C ASN B 104 -16.73 0.94 11.24
N HIS B 105 -17.69 0.47 12.06
CA HIS B 105 -19.01 0.16 11.55
C HIS B 105 -19.46 1.29 10.64
N ALA B 106 -19.31 2.53 11.15
CA ALA B 106 -19.70 3.75 10.45
C ALA B 106 -19.07 3.79 9.05
N ILE B 107 -17.74 3.90 8.98
CA ILE B 107 -17.07 4.09 7.70
C ILE B 107 -17.34 2.92 6.78
N ASP B 108 -17.59 1.72 7.33
CA ASP B 108 -17.88 0.55 6.50
C ASP B 108 -19.31 0.68 5.95
N LEU B 109 -20.27 1.04 6.81
CA LEU B 109 -21.63 1.28 6.36
C LEU B 109 -21.61 2.28 5.21
N LEU B 110 -20.80 3.34 5.36
CA LEU B 110 -20.76 4.42 4.37
C LEU B 110 -20.17 3.91 3.06
N LEU B 111 -18.91 3.43 3.10
CA LEU B 111 -18.14 3.07 1.92
C LEU B 111 -18.74 1.86 1.21
N SER B 112 -19.30 0.91 1.96
CA SER B 112 -19.98 -0.24 1.37
C SER B 112 -21.21 0.21 0.59
N SER B 113 -21.71 1.43 0.90
CA SER B 113 -22.96 1.93 0.34
C SER B 113 -22.71 2.90 -0.82
N TRP B 114 -21.44 3.14 -1.12
CA TRP B 114 -21.08 4.31 -1.91
C TRP B 114 -21.26 4.02 -3.40
N PRO B 115 -21.99 4.90 -4.15
CA PRO B 115 -22.39 4.61 -5.53
C PRO B 115 -21.32 4.90 -6.59
N GLY B 116 -21.40 4.15 -7.70
CA GLY B 116 -20.53 4.36 -8.85
C GLY B 116 -19.05 4.29 -8.49
N LYS B 117 -18.29 5.31 -8.92
CA LYS B 117 -16.83 5.29 -8.92
C LYS B 117 -16.36 5.40 -7.47
N ARG B 118 -15.40 4.51 -7.11
CA ARG B 118 -14.88 4.42 -5.75
C ARG B 118 -13.40 4.80 -5.71
N THR B 119 -13.15 6.08 -6.02
CA THR B 119 -11.88 6.71 -5.77
C THR B 119 -12.06 7.49 -4.48
N LEU B 120 -10.94 7.82 -3.84
CA LEU B 120 -10.96 8.51 -2.56
C LEU B 120 -9.58 9.12 -2.33
N ALA B 121 -9.56 10.33 -1.77
CA ALA B 121 -8.33 10.91 -1.26
C ALA B 121 -8.49 11.07 0.24
N CYS B 122 -7.38 10.85 0.96
CA CYS B 122 -7.37 10.92 2.42
C CYS B 122 -5.98 11.34 2.84
N LEU B 123 -5.76 11.56 4.14
CA LEU B 123 -4.44 11.92 4.60
C LEU B 123 -3.54 10.69 4.50
N PRO B 124 -2.20 10.89 4.45
CA PRO B 124 -1.27 9.79 4.67
C PRO B 124 -1.45 9.24 6.08
N GLY B 125 -1.84 10.16 6.99
CA GLY B 125 -2.02 9.84 8.40
C GLY B 125 -3.20 8.92 8.65
N GLU B 126 -3.96 8.59 7.59
CA GLU B 126 -5.22 7.88 7.73
C GLU B 126 -5.07 6.65 8.60
N PHE B 127 -6.11 6.45 9.43
CA PHE B 127 -6.22 5.39 10.41
C PHE B 127 -6.21 4.04 9.70
N GLY B 128 -5.34 3.13 10.17
CA GLY B 128 -5.14 1.85 9.49
C GLY B 128 -6.46 1.13 9.25
N PRO B 129 -7.24 0.88 10.32
CA PRO B 129 -8.54 0.20 10.19
C PRO B 129 -9.51 0.89 9.24
N ASN B 130 -9.30 2.20 9.02
CA ASN B 130 -10.09 2.93 8.02
C ASN B 130 -9.64 2.50 6.61
N LEU B 131 -8.34 2.61 6.35
CA LEU B 131 -7.74 2.17 5.10
C LEU B 131 -8.16 0.73 4.80
N SER B 132 -8.12 -0.11 5.84
CA SER B 132 -8.55 -1.49 5.74
C SER B 132 -10.00 -1.58 5.24
N ALA B 133 -10.90 -0.76 5.82
CA ALA B 133 -12.29 -0.73 5.36
C ALA B 133 -12.37 -0.16 3.95
N MET B 134 -11.58 0.89 3.68
CA MET B 134 -11.54 1.54 2.37
C MET B 134 -11.20 0.49 1.33
N ALA B 135 -10.09 -0.23 1.59
CA ALA B 135 -9.58 -1.28 0.72
C ALA B 135 -10.62 -2.38 0.57
N ALA B 136 -11.21 -2.83 1.68
CA ALA B 136 -12.16 -3.92 1.65
C ALA B 136 -13.41 -3.57 0.84
N ASN B 137 -13.67 -2.26 0.61
CA ASN B 137 -14.82 -1.80 -0.13
C ASN B 137 -14.42 -1.36 -1.55
N GLY B 138 -13.17 -1.66 -1.93
CA GLY B 138 -12.68 -1.46 -3.28
C GLY B 138 -12.50 0.02 -3.64
N PHE B 139 -11.89 0.79 -2.73
CA PHE B 139 -11.60 2.18 -3.02
C PHE B 139 -10.14 2.32 -3.37
N GLN B 140 -9.86 3.02 -4.48
CA GLN B 140 -8.53 3.52 -4.73
C GLN B 140 -8.36 4.77 -3.87
N VAL B 141 -7.20 4.83 -3.22
CA VAL B 141 -6.97 5.74 -2.13
C VAL B 141 -5.74 6.59 -2.43
N ARG B 142 -5.94 7.86 -2.83
CA ARG B 142 -4.82 8.76 -3.06
C ARG B 142 -4.52 9.49 -1.76
N ALA B 143 -3.26 9.88 -1.58
CA ALA B 143 -2.85 10.70 -0.44
C ALA B 143 -3.10 12.18 -0.76
N LEU B 144 -3.25 12.97 0.31
CA LEU B 144 -3.36 14.42 0.18
C LEU B 144 -2.03 15.03 0.62
N PRO B 145 -1.64 16.19 0.05
CA PRO B 145 -0.41 16.87 0.48
C PRO B 145 -0.52 17.32 1.93
N VAL B 146 0.54 17.07 2.72
CA VAL B 146 0.56 17.43 4.13
C VAL B 146 1.94 18.00 4.48
N ASP B 147 2.06 18.53 5.71
CA ASP B 147 3.33 18.97 6.25
C ASP B 147 3.97 17.79 7.00
N ASP B 148 5.08 18.05 7.70
CA ASP B 148 5.82 16.98 8.37
C ASP B 148 5.04 16.49 9.60
N ASP B 149 4.12 17.32 10.12
CA ASP B 149 3.21 16.92 11.19
C ASP B 149 2.12 15.97 10.68
N GLY B 150 1.77 16.11 9.38
CA GLY B 150 0.68 15.36 8.78
C GLY B 150 -0.53 16.26 8.49
N ARG B 151 -0.40 17.55 8.85
CA ARG B 151 -1.49 18.51 8.70
C ARG B 151 -1.67 18.82 7.22
N VAL B 152 -2.90 18.65 6.73
CA VAL B 152 -3.16 18.82 5.31
C VAL B 152 -2.78 20.26 4.92
N LEU B 153 -2.09 20.35 3.78
CA LEU B 153 -1.88 21.61 3.10
C LEU B 153 -3.11 21.81 2.22
N VAL B 154 -3.98 22.74 2.65
CA VAL B 154 -5.32 22.88 2.09
C VAL B 154 -5.25 23.38 0.64
N ASP B 155 -4.29 24.27 0.38
CA ASP B 155 -4.11 24.87 -0.93
C ASP B 155 -3.73 23.78 -1.93
N GLU B 156 -2.57 23.15 -1.71
CA GLU B 156 -2.02 22.12 -2.59
C GLU B 156 -3.09 21.08 -2.91
N ALA B 157 -3.89 20.75 -1.88
CA ALA B 157 -4.91 19.71 -1.93
C ALA B 157 -6.04 20.12 -2.88
N SER B 158 -6.42 21.40 -2.82
CA SER B 158 -7.46 21.97 -3.67
C SER B 158 -7.04 21.88 -5.13
N HIS B 159 -5.81 22.34 -5.40
CA HIS B 159 -5.24 22.29 -6.74
C HIS B 159 -5.23 20.84 -7.24
N GLU B 160 -4.72 19.95 -6.38
CA GLU B 160 -4.59 18.53 -6.70
C GLU B 160 -5.95 17.92 -7.02
N LEU B 161 -6.99 18.37 -6.30
CA LEU B 161 -8.30 17.75 -6.40
C LEU B 161 -9.06 18.25 -7.63
N SER B 162 -8.78 19.50 -8.05
CA SER B 162 -9.33 20.04 -9.29
C SER B 162 -8.68 19.34 -10.49
N ALA B 163 -7.34 19.36 -10.50
CA ALA B 163 -6.55 18.68 -11.54
C ALA B 163 -6.95 17.20 -11.63
N HIS B 164 -6.86 16.50 -10.50
CA HIS B 164 -7.20 15.09 -10.44
C HIS B 164 -8.36 14.88 -9.46
N PRO B 165 -9.61 14.71 -9.99
CA PRO B 165 -10.79 14.56 -9.14
C PRO B 165 -10.88 13.17 -8.55
N VAL B 166 -11.58 13.08 -7.41
CA VAL B 166 -11.68 11.86 -6.64
C VAL B 166 -13.11 11.80 -6.09
N ALA B 167 -13.67 10.59 -5.92
CA ALA B 167 -15.10 10.43 -5.75
C ALA B 167 -15.57 11.00 -4.41
N LEU B 168 -14.65 10.99 -3.41
CA LEU B 168 -14.87 11.64 -2.12
C LEU B 168 -13.53 11.81 -1.41
N VAL B 169 -13.53 12.74 -0.46
CA VAL B 169 -12.38 12.99 0.39
C VAL B 169 -12.73 12.51 1.81
N HIS B 170 -11.80 11.78 2.42
CA HIS B 170 -12.00 11.26 3.77
C HIS B 170 -10.98 11.92 4.68
N LEU B 171 -11.47 12.79 5.57
CA LEU B 171 -10.61 13.51 6.50
C LEU B 171 -10.84 13.01 7.91
N THR B 172 -9.80 12.37 8.46
CA THR B 172 -9.74 12.15 9.90
C THR B 172 -9.32 13.49 10.51
N ALA B 173 -10.30 14.18 11.12
CA ALA B 173 -10.14 15.56 11.56
C ALA B 173 -9.16 15.61 12.73
N LEU B 174 -9.30 14.67 13.66
CA LEU B 174 -8.29 14.43 14.67
C LEU B 174 -7.95 12.94 14.66
N ALA B 175 -6.64 12.65 14.59
CA ALA B 175 -6.11 11.31 14.40
C ALA B 175 -5.93 10.59 15.73
N SER B 176 -6.11 9.27 15.73
CA SER B 176 -5.96 8.49 16.95
C SER B 176 -4.49 8.48 17.40
N HIS B 177 -3.57 8.63 16.44
CA HIS B 177 -2.16 8.40 16.67
C HIS B 177 -1.40 9.72 16.87
N ARG B 178 -2.07 10.87 16.67
CA ARG B 178 -1.39 12.14 16.80
C ARG B 178 -2.39 13.28 16.96
N GLY B 179 -2.06 14.19 17.88
CA GLY B 179 -2.97 15.24 18.33
C GLY B 179 -2.94 16.49 17.44
N ILE B 180 -2.61 16.33 16.16
CA ILE B 180 -2.76 17.43 15.20
C ILE B 180 -4.25 17.58 14.89
N ALA B 181 -4.73 18.82 15.02
CA ALA B 181 -6.07 19.19 14.58
C ALA B 181 -5.99 19.60 13.11
N GLN B 182 -6.65 18.83 12.24
CA GLN B 182 -6.61 19.09 10.82
C GLN B 182 -7.49 20.28 10.49
N PRO B 183 -7.06 21.18 9.58
CA PRO B 183 -7.88 22.31 9.14
C PRO B 183 -9.13 21.85 8.39
N ALA B 184 -10.12 21.40 9.17
CA ALA B 184 -11.24 20.60 8.69
C ALA B 184 -12.14 21.44 7.79
N ALA B 185 -12.54 22.62 8.30
CA ALA B 185 -13.56 23.42 7.66
C ALA B 185 -13.06 23.94 6.30
N GLU B 186 -11.78 24.36 6.26
CA GLU B 186 -11.20 24.95 5.06
C GLU B 186 -10.88 23.88 4.03
N LEU B 187 -10.56 22.65 4.48
CA LEU B 187 -10.43 21.54 3.54
C LEU B 187 -11.80 21.18 2.97
N VAL B 188 -12.85 21.29 3.80
CA VAL B 188 -14.18 20.92 3.38
C VAL B 188 -14.68 21.87 2.31
N GLU B 189 -14.33 23.16 2.41
CA GLU B 189 -14.76 24.12 1.39
C GLU B 189 -13.93 23.87 0.13
N ALA B 190 -12.60 23.74 0.27
CA ALA B 190 -11.71 23.40 -0.83
C ALA B 190 -12.28 22.22 -1.64
N CYS B 191 -12.70 21.18 -0.92
CA CYS B 191 -13.22 19.97 -1.54
C CYS B 191 -14.57 20.21 -2.17
N HIS B 192 -15.37 21.09 -1.56
CA HIS B 192 -16.67 21.45 -2.10
C HIS B 192 -16.51 22.29 -3.37
N ASN B 193 -15.53 23.23 -3.37
CA ASN B 193 -15.18 24.04 -4.53
C ASN B 193 -14.76 23.19 -5.72
N ALA B 194 -14.22 21.99 -5.45
CA ALA B 194 -13.88 21.05 -6.51
C ALA B 194 -15.05 20.10 -6.80
N GLY B 195 -16.20 20.28 -6.14
CA GLY B 195 -17.39 19.47 -6.38
C GLY B 195 -17.26 18.04 -5.84
N ILE B 196 -16.57 17.89 -4.70
CA ILE B 196 -16.24 16.60 -4.12
C ILE B 196 -16.78 16.56 -2.68
N PRO B 197 -17.53 15.49 -2.30
CA PRO B 197 -18.03 15.37 -0.92
C PRO B 197 -16.93 15.04 0.09
N VAL B 198 -17.15 15.40 1.37
CA VAL B 198 -16.19 15.12 2.43
C VAL B 198 -16.83 14.24 3.51
N VAL B 199 -16.19 13.09 3.76
CA VAL B 199 -16.48 12.26 4.92
C VAL B 199 -15.47 12.60 6.01
N ILE B 200 -15.95 12.80 7.25
CA ILE B 200 -15.07 13.07 8.35
C ILE B 200 -15.19 11.94 9.39
N ASP B 201 -14.01 11.39 9.72
CA ASP B 201 -13.82 10.55 10.89
C ASP B 201 -13.58 11.47 12.09
N ALA B 202 -14.65 11.63 12.89
CA ALA B 202 -14.62 12.46 14.08
C ALA B 202 -14.65 11.59 15.33
N ALA B 203 -14.12 10.37 15.25
CA ALA B 203 -14.05 9.46 16.40
C ALA B 203 -13.33 10.18 17.53
N GLN B 204 -12.21 10.80 17.16
CA GLN B 204 -11.36 11.53 18.08
C GLN B 204 -11.91 12.95 18.21
N ALA B 205 -12.22 13.60 17.07
CA ALA B 205 -12.59 15.02 17.03
C ALA B 205 -13.93 15.33 17.72
N LEU B 206 -14.92 14.44 17.64
CA LEU B 206 -16.24 14.81 18.17
C LEU B 206 -16.14 14.99 19.68
N GLY B 207 -16.62 16.14 20.16
CA GLY B 207 -16.59 16.47 21.57
C GLY B 207 -15.24 17.08 21.99
N HIS B 208 -14.45 17.51 21.00
CA HIS B 208 -13.04 17.79 21.17
C HIS B 208 -12.59 18.90 20.22
N LEU B 209 -13.06 18.84 18.96
CA LEU B 209 -12.80 19.83 17.93
C LEU B 209 -14.14 20.32 17.38
N ASP B 210 -14.20 21.60 16.98
CA ASP B 210 -15.41 22.11 16.34
C ASP B 210 -15.68 21.28 15.07
N CYS B 211 -16.65 20.35 15.17
CA CYS B 211 -16.98 19.44 14.07
C CYS B 211 -18.11 20.02 13.23
N ASN B 212 -18.42 21.31 13.45
CA ASN B 212 -19.36 22.05 12.63
C ASN B 212 -18.60 22.75 11.50
N VAL B 213 -18.49 22.10 10.33
CA VAL B 213 -17.47 22.45 9.34
C VAL B 213 -17.93 22.23 7.89
N GLY B 214 -19.16 21.71 7.68
CA GLY B 214 -19.75 21.61 6.34
C GLY B 214 -19.63 20.23 5.71
N ALA B 215 -19.11 19.25 6.47
CA ALA B 215 -18.89 17.90 5.98
C ALA B 215 -20.22 17.28 5.51
N ASP B 216 -20.12 16.33 4.59
CA ASP B 216 -21.29 15.72 4.00
C ASP B 216 -21.70 14.47 4.78
N ALA B 217 -20.70 13.80 5.35
CA ALA B 217 -20.93 12.78 6.35
C ALA B 217 -19.92 12.97 7.48
N VAL B 218 -20.36 12.70 8.71
CA VAL B 218 -19.45 12.62 9.84
C VAL B 218 -19.77 11.34 10.61
N TYR B 219 -18.76 10.79 11.30
CA TYR B 219 -19.00 9.68 12.22
C TYR B 219 -18.03 9.74 13.39
N SER B 220 -18.45 9.10 14.49
CA SER B 220 -17.68 9.10 15.72
C SER B 220 -18.16 7.95 16.61
N SER B 221 -17.49 7.83 17.75
CA SER B 221 -17.70 6.78 18.72
C SER B 221 -18.19 7.37 20.05
N SER B 222 -18.95 6.57 20.80
CA SER B 222 -19.51 6.99 22.09
C SER B 222 -18.42 7.08 23.16
N ARG B 223 -17.49 6.11 23.16
CA ARG B 223 -16.76 5.73 24.36
C ARG B 223 -15.63 6.70 24.69
N LYS B 224 -15.32 7.62 23.76
CA LYS B 224 -14.14 8.48 23.89
C LYS B 224 -14.53 9.82 24.51
N TRP B 225 -14.25 10.93 23.82
CA TRP B 225 -14.34 12.26 24.42
C TRP B 225 -15.76 12.59 24.88
N LEU B 226 -16.76 11.93 24.31
CA LEU B 226 -18.13 12.11 24.78
C LEU B 226 -18.41 11.26 26.01
N ALA B 227 -17.46 10.38 26.35
CA ALA B 227 -17.45 9.56 27.55
C ALA B 227 -18.81 8.88 27.78
N GLY B 228 -19.31 8.25 26.70
CA GLY B 228 -20.49 7.41 26.79
C GLY B 228 -20.10 5.93 26.68
N PRO B 229 -21.07 5.01 26.68
CA PRO B 229 -20.79 3.57 26.62
C PRO B 229 -20.05 3.08 25.37
N ARG B 230 -19.36 1.93 25.53
CA ARG B 230 -18.76 1.22 24.40
C ARG B 230 -19.89 0.57 23.61
N GLY B 231 -19.62 0.28 22.33
CA GLY B 231 -20.57 -0.43 21.50
C GLY B 231 -21.51 0.51 20.75
N VAL B 232 -21.25 1.82 20.87
CA VAL B 232 -22.03 2.83 20.17
C VAL B 232 -21.09 3.75 19.41
N GLY B 233 -21.51 4.05 18.18
CA GLY B 233 -20.97 5.17 17.41
C GLY B 233 -22.11 5.84 16.62
N VAL B 234 -21.76 6.91 15.90
CA VAL B 234 -22.77 7.66 15.17
C VAL B 234 -22.27 7.86 13.74
N LEU B 235 -23.23 7.89 12.80
CA LEU B 235 -22.95 8.26 11.43
C LEU B 235 -23.99 9.28 10.98
N ALA B 236 -23.53 10.43 10.47
CA ALA B 236 -24.42 11.49 9.98
C ALA B 236 -24.17 11.70 8.49
N VAL B 237 -25.25 11.70 7.70
CA VAL B 237 -25.15 11.86 6.26
C VAL B 237 -26.24 12.81 5.75
N ARG B 238 -25.79 13.86 5.05
CA ARG B 238 -26.66 14.89 4.48
C ARG B 238 -27.57 14.26 3.43
N PRO B 239 -28.88 14.62 3.40
CA PRO B 239 -29.88 13.83 2.64
C PRO B 239 -29.62 13.69 1.15
N GLU B 240 -28.92 14.69 0.55
CA GLU B 240 -28.50 14.67 -0.84
C GLU B 240 -27.59 13.46 -1.07
N LEU B 241 -26.64 13.28 -0.14
CA LEU B 241 -25.70 12.17 -0.13
C LEU B 241 -26.39 10.89 0.29
N ALA B 242 -27.16 10.96 1.39
CA ALA B 242 -27.82 9.79 1.95
C ALA B 242 -28.58 9.04 0.85
N GLU B 243 -29.31 9.75 -0.01
CA GLU B 243 -30.23 9.12 -0.92
C GLU B 243 -29.49 8.56 -2.14
N ARG B 244 -28.27 9.05 -2.41
CA ARG B 244 -27.42 8.52 -3.48
C ARG B 244 -26.83 7.16 -3.11
N LEU B 245 -26.71 6.91 -1.79
CA LEU B 245 -26.10 5.73 -1.21
C LEU B 245 -26.98 4.51 -1.46
N GLN B 246 -26.31 3.35 -1.61
CA GLN B 246 -26.95 2.08 -1.92
C GLN B 246 -26.50 1.01 -0.92
N PRO B 247 -27.15 0.94 0.28
CA PRO B 247 -26.77 -0.01 1.32
C PRO B 247 -26.51 -1.43 0.85
N ARG B 248 -25.42 -2.02 1.35
CA ARG B 248 -25.06 -3.40 1.04
C ARG B 248 -26.19 -4.33 1.52
N ILE B 249 -26.66 -4.10 2.76
CA ILE B 249 -27.72 -4.90 3.35
C ILE B 249 -28.82 -3.94 3.81
N PRO B 250 -30.12 -4.25 3.53
CA PRO B 250 -30.49 -5.30 2.59
C PRO B 250 -30.00 -4.96 1.18
N PRO B 251 -30.11 -5.89 0.20
CA PRO B 251 -29.92 -5.56 -1.22
C PRO B 251 -30.89 -4.49 -1.72
N SER B 252 -30.56 -3.85 -2.85
CA SER B 252 -31.22 -2.64 -3.31
C SER B 252 -32.69 -2.85 -3.69
N ASP B 253 -33.07 -4.11 -3.92
CA ASP B 253 -34.45 -4.51 -4.17
C ASP B 253 -35.13 -4.80 -2.83
N TRP B 254 -35.82 -3.79 -2.27
CA TRP B 254 -36.28 -3.79 -0.88
C TRP B 254 -37.78 -4.06 -0.76
N PRO B 255 -38.22 -5.29 -0.39
CA PRO B 255 -39.59 -5.57 0.08
C PRO B 255 -40.23 -4.60 1.09
N ILE B 256 -39.45 -4.18 2.11
CA ILE B 256 -39.84 -3.04 2.94
C ILE B 256 -39.37 -1.75 2.25
N PRO B 257 -40.23 -0.69 2.21
CA PRO B 257 -39.77 0.65 1.82
C PRO B 257 -39.25 1.48 3.00
N MET B 258 -37.93 1.48 3.21
CA MET B 258 -37.28 2.23 4.28
C MET B 258 -36.13 3.05 3.70
N SER B 259 -35.79 4.14 4.39
CA SER B 259 -34.80 5.09 3.91
C SER B 259 -33.41 4.48 3.99
N VAL B 260 -32.47 5.08 3.24
CA VAL B 260 -31.08 4.65 3.27
C VAL B 260 -30.58 4.66 4.71
N LEU B 261 -30.91 5.69 5.50
CA LEU B 261 -30.44 5.76 6.88
C LEU B 261 -31.08 4.66 7.73
N GLU B 262 -32.35 4.38 7.49
CA GLU B 262 -33.03 3.29 8.19
C GLU B 262 -32.33 1.96 7.91
N LYS B 263 -31.90 1.78 6.66
CA LYS B 263 -31.11 0.62 6.27
C LYS B 263 -29.79 0.60 7.03
N LEU B 264 -29.09 1.74 7.06
CA LEU B 264 -27.80 1.85 7.74
C LEU B 264 -27.91 1.62 9.24
N GLU B 265 -29.08 1.91 9.84
CA GLU B 265 -29.23 1.75 11.29
C GLU B 265 -29.79 0.39 11.68
N LEU B 266 -30.04 -0.47 10.68
CA LEU B 266 -30.67 -1.75 10.90
C LEU B 266 -29.67 -2.68 11.60
N GLY B 267 -30.13 -3.40 12.63
CA GLY B 267 -29.33 -4.45 13.27
C GLY B 267 -29.35 -4.41 14.80
N GLU B 268 -29.20 -5.60 15.41
CA GLU B 268 -29.13 -5.77 16.86
C GLU B 268 -28.02 -4.88 17.43
N HIS B 269 -28.21 -4.46 18.69
CA HIS B 269 -27.36 -3.46 19.30
C HIS B 269 -27.73 -3.33 20.79
N ASN B 270 -26.83 -2.76 21.60
CA ASN B 270 -27.18 -2.44 22.97
C ASN B 270 -27.88 -1.08 22.95
N ALA B 271 -29.22 -1.12 22.94
CA ALA B 271 -30.01 0.09 23.05
C ALA B 271 -29.67 0.81 24.36
N ALA B 272 -29.54 0.04 25.44
CA ALA B 272 -29.16 0.62 26.72
C ALA B 272 -28.00 1.58 26.51
N ALA B 273 -26.96 1.07 25.81
CA ALA B 273 -25.73 1.81 25.57
C ALA B 273 -26.04 3.09 24.82
N ARG B 274 -26.96 2.98 23.86
CA ARG B 274 -27.37 4.11 23.04
C ARG B 274 -28.04 5.17 23.91
N VAL B 275 -28.97 4.77 24.80
CA VAL B 275 -29.55 5.75 25.70
C VAL B 275 -28.44 6.27 26.62
N GLY B 276 -27.59 5.37 27.12
CA GLY B 276 -26.38 5.78 27.82
C GLY B 276 -25.65 6.90 27.07
N PHE B 277 -25.40 6.67 25.77
CA PHE B 277 -24.70 7.63 24.94
C PHE B 277 -25.45 8.96 24.98
N SER B 278 -26.76 8.92 24.74
CA SER B 278 -27.57 10.12 24.64
C SER B 278 -27.37 11.02 25.86
N VAL B 279 -27.47 10.41 27.06
CA VAL B 279 -27.14 11.07 28.32
C VAL B 279 -25.78 11.78 28.19
N ALA B 280 -24.79 11.00 27.74
CA ALA B 280 -23.40 11.43 27.73
C ALA B 280 -23.19 12.63 26.80
N VAL B 281 -23.87 12.64 25.63
CA VAL B 281 -23.78 13.76 24.72
C VAL B 281 -24.46 14.95 25.38
N GLY B 282 -25.70 14.72 25.83
CA GLY B 282 -26.46 15.69 26.61
C GLY B 282 -25.55 16.39 27.62
N GLU B 283 -24.78 15.58 28.35
CA GLU B 283 -23.86 16.05 29.37
C GLU B 283 -22.77 16.95 28.78
N HIS B 284 -22.40 16.73 27.51
CA HIS B 284 -21.36 17.54 26.87
C HIS B 284 -21.94 18.91 26.60
N LEU B 285 -23.11 18.92 25.95
CA LEU B 285 -23.89 20.12 25.70
C LEU B 285 -24.12 20.87 27.02
N ALA B 286 -24.59 20.13 28.03
CA ALA B 286 -24.86 20.66 29.34
C ALA B 286 -23.65 21.41 29.90
N ALA B 287 -22.44 20.90 29.68
CA ALA B 287 -21.21 21.47 30.24
C ALA B 287 -20.77 22.70 29.44
N GLY B 288 -21.34 22.84 28.22
CA GLY B 288 -20.89 23.85 27.29
C GLY B 288 -19.87 23.25 26.31
N PRO B 289 -20.29 22.79 25.11
CA PRO B 289 -19.36 22.26 24.12
C PRO B 289 -18.08 23.09 24.02
N THR B 290 -18.26 24.39 23.80
CA THR B 290 -17.17 25.26 23.45
C THR B 290 -16.29 25.48 24.69
N ALA B 291 -16.92 25.52 25.88
CA ALA B 291 -16.21 25.54 27.15
C ALA B 291 -15.30 24.30 27.30
N VAL B 292 -15.82 23.13 26.94
CA VAL B 292 -15.10 21.87 27.14
C VAL B 292 -13.90 21.82 26.21
N ARG B 293 -14.07 22.16 24.93
CA ARG B 293 -13.01 22.09 23.95
C ARG B 293 -11.84 22.99 24.33
N GLU B 294 -12.16 24.20 24.84
CA GLU B 294 -11.14 25.14 25.27
C GLU B 294 -10.27 24.50 26.38
N ARG B 295 -10.91 23.79 27.32
CA ARG B 295 -10.20 23.12 28.40
C ARG B 295 -9.35 21.99 27.82
N LEU B 296 -9.93 21.18 26.92
CA LEU B 296 -9.19 20.07 26.34
C LEU B 296 -7.95 20.59 25.62
N ALA B 297 -8.08 21.74 24.94
CA ALA B 297 -6.95 22.39 24.28
C ALA B 297 -5.91 22.81 25.32
N GLU B 298 -6.38 23.40 26.43
CA GLU B 298 -5.58 23.69 27.61
C GLU B 298 -4.82 22.45 28.05
N VAL B 299 -5.58 21.36 28.23
CA VAL B 299 -5.05 20.10 28.73
C VAL B 299 -3.84 19.70 27.89
N GLY B 300 -3.96 19.85 26.57
CA GLY B 300 -2.88 19.57 25.66
C GLY B 300 -1.66 20.44 25.94
N ARG B 301 -1.91 21.75 25.99
CA ARG B 301 -0.87 22.72 26.28
C ARG B 301 -0.11 22.25 27.53
N LEU B 302 -0.83 22.14 28.65
CA LEU B 302 -0.25 21.75 29.94
C LEU B 302 0.49 20.43 29.79
N SER B 303 -0.15 19.47 29.11
CA SER B 303 0.39 18.13 28.94
C SER B 303 1.74 18.21 28.25
N ARG B 304 1.85 19.08 27.25
CA ARG B 304 3.05 19.17 26.43
C ARG B 304 4.10 20.03 27.13
N GLN B 305 3.66 21.07 27.87
CA GLN B 305 4.54 21.89 28.68
C GLN B 305 5.15 21.04 29.79
N VAL B 306 4.30 20.25 30.46
CA VAL B 306 4.75 19.39 31.53
C VAL B 306 5.68 18.31 30.99
N LEU B 307 5.47 17.85 29.75
CA LEU B 307 6.23 16.74 29.20
C LEU B 307 7.36 17.22 28.32
N ALA B 308 7.49 18.54 28.13
CA ALA B 308 8.51 19.10 27.26
C ALA B 308 9.91 18.68 27.72
N GLU B 309 10.04 18.26 28.99
CA GLU B 309 11.32 17.93 29.58
C GLU B 309 11.28 16.47 30.09
N VAL B 310 11.40 15.50 29.17
CA VAL B 310 11.54 14.09 29.58
C VAL B 310 12.62 13.43 28.73
N ASP B 311 13.57 12.77 29.40
CA ASP B 311 14.65 12.06 28.72
C ASP B 311 14.11 10.73 28.17
N GLY B 312 14.44 10.44 26.90
CA GLY B 312 14.06 9.19 26.26
C GLY B 312 12.66 9.25 25.65
N TRP B 313 12.13 10.48 25.50
CA TRP B 313 10.74 10.72 25.17
C TRP B 313 10.57 12.13 24.60
N ARG B 314 10.21 12.22 23.31
CA ARG B 314 10.03 13.50 22.65
C ARG B 314 8.53 13.74 22.40
N VAL B 315 8.05 14.93 22.78
CA VAL B 315 6.68 15.35 22.49
C VAL B 315 6.57 15.64 20.99
N VAL B 316 5.48 15.18 20.36
CA VAL B 316 5.41 15.16 18.90
C VAL B 316 4.65 16.38 18.38
N GLU B 317 3.58 16.79 19.09
CA GLU B 317 2.66 17.80 18.60
C GLU B 317 3.20 19.17 18.98
N PRO B 318 3.15 20.18 18.08
CA PRO B 318 3.30 21.59 18.49
C PRO B 318 2.44 22.04 19.66
N VAL B 319 3.05 22.79 20.57
CA VAL B 319 2.59 22.97 21.94
C VAL B 319 1.12 23.40 21.93
N ASP B 320 0.74 24.25 20.96
CA ASP B 320 -0.53 24.96 20.96
C ASP B 320 -1.54 24.33 19.99
N GLN B 321 -1.40 23.02 19.73
CA GLN B 321 -2.43 22.32 18.98
C GLN B 321 -3.65 22.19 19.90
N PRO B 322 -4.85 22.63 19.46
CA PRO B 322 -6.04 22.67 20.32
C PRO B 322 -6.66 21.28 20.54
N THR B 323 -6.00 20.49 21.39
CA THR B 323 -6.17 19.05 21.41
C THR B 323 -5.71 18.52 22.77
N ALA B 324 -6.28 17.39 23.23
CA ALA B 324 -5.86 16.77 24.48
C ALA B 324 -4.92 15.59 24.24
N ILE B 325 -4.92 15.09 22.99
CA ILE B 325 -4.00 14.07 22.53
C ILE B 325 -2.60 14.68 22.37
N THR B 326 -1.69 14.20 23.21
CA THR B 326 -0.26 14.41 23.03
C THR B 326 0.41 13.03 22.95
N THR B 327 1.47 12.94 22.12
CA THR B 327 2.14 11.69 21.84
C THR B 327 3.64 11.86 22.02
N LEU B 328 4.29 10.77 22.46
CA LEU B 328 5.69 10.75 22.83
C LEU B 328 6.41 9.69 22.00
N GLU B 329 7.47 10.10 21.30
CA GLU B 329 8.32 9.19 20.55
C GLU B 329 9.58 8.88 21.38
N SER B 330 9.91 7.58 21.52
CA SER B 330 11.05 7.18 22.32
C SER B 330 12.34 7.48 21.56
N THR B 331 13.29 8.17 22.23
CA THR B 331 14.52 8.62 21.61
C THR B 331 15.66 7.62 21.85
N ASP B 332 15.40 6.54 22.59
CA ASP B 332 16.33 5.42 22.64
C ASP B 332 15.57 4.10 22.50
N GLY B 333 14.78 3.99 21.42
CA GLY B 333 14.23 2.73 20.94
C GLY B 333 13.36 1.96 21.95
N ALA B 334 12.85 2.64 23.00
CA ALA B 334 11.95 2.03 23.96
C ALA B 334 10.61 1.74 23.30
N ASP B 335 10.03 0.57 23.61
CA ASP B 335 8.78 0.17 22.97
C ASP B 335 7.61 0.61 23.86
N PRO B 336 6.68 1.45 23.34
CA PRO B 336 5.65 2.08 24.18
C PRO B 336 4.66 1.04 24.70
N ALA B 337 4.29 0.08 23.84
CA ALA B 337 3.48 -1.06 24.26
C ALA B 337 3.89 -1.55 25.65
N SER B 338 5.21 -1.67 25.89
CA SER B 338 5.78 -2.20 27.13
C SER B 338 5.63 -1.18 28.24
N VAL B 339 6.04 0.07 27.92
CA VAL B 339 5.97 1.19 28.84
C VAL B 339 4.54 1.34 29.37
N ARG B 340 3.57 1.23 28.44
CA ARG B 340 2.16 1.35 28.77
C ARG B 340 1.77 0.30 29.81
N SER B 341 2.13 -0.97 29.55
CA SER B 341 1.68 -2.06 30.42
C SER B 341 2.47 -2.04 31.73
N TRP B 342 3.67 -1.44 31.70
CA TRP B 342 4.37 -1.13 32.93
C TRP B 342 3.59 -0.06 33.71
N LEU B 343 3.39 1.10 33.07
CA LEU B 343 2.67 2.23 33.66
C LEU B 343 1.38 1.79 34.34
N ILE B 344 0.68 0.83 33.72
CA ILE B 344 -0.59 0.34 34.24
C ILE B 344 -0.35 -0.53 35.48
N ALA B 345 0.51 -1.56 35.34
CA ALA B 345 0.71 -2.57 36.37
C ALA B 345 1.41 -2.00 37.59
N GLU B 346 2.31 -1.02 37.38
CA GLU B 346 3.16 -0.54 38.47
C GLU B 346 2.57 0.71 39.11
N ARG B 347 2.06 1.65 38.30
CA ARG B 347 1.73 2.98 38.79
C ARG B 347 0.28 3.36 38.50
N GLY B 348 -0.54 2.40 38.04
CA GLY B 348 -1.96 2.63 37.82
C GLY B 348 -2.28 3.68 36.74
N ILE B 349 -1.27 4.13 35.98
CA ILE B 349 -1.46 5.15 34.96
C ILE B 349 -1.85 4.48 33.66
N VAL B 350 -3.03 4.85 33.12
CA VAL B 350 -3.53 4.28 31.89
C VAL B 350 -3.12 5.16 30.71
N THR B 351 -2.43 4.52 29.73
CA THR B 351 -2.09 5.14 28.46
C THR B 351 -2.45 4.19 27.31
N THR B 352 -2.36 4.71 26.09
CA THR B 352 -2.48 3.90 24.89
C THR B 352 -1.13 3.92 24.17
N ALA B 353 -0.78 2.77 23.59
CA ALA B 353 0.43 2.60 22.83
C ALA B 353 0.07 2.41 21.36
N CYS B 354 0.47 3.37 20.53
CA CYS B 354 0.03 3.39 19.14
C CYS B 354 1.04 2.67 18.25
N GLU B 355 0.65 1.50 17.71
CA GLU B 355 1.55 0.73 16.85
C GLU B 355 1.53 1.37 15.45
N LEU B 356 2.42 0.94 14.57
CA LEU B 356 2.53 1.57 13.25
C LEU B 356 1.25 1.32 12.47
N ALA B 357 0.58 0.18 12.76
CA ALA B 357 -0.66 -0.24 12.11
C ALA B 357 -1.74 0.83 12.16
N ARG B 358 -1.64 1.73 13.14
CA ARG B 358 -2.58 2.81 13.34
C ARG B 358 -2.52 3.85 12.22
N ALA B 359 -1.34 4.03 11.62
CA ALA B 359 -1.20 4.96 10.51
C ALA B 359 -0.04 4.50 9.64
N PRO B 360 -0.21 3.40 8.86
CA PRO B 360 0.89 2.77 8.15
C PRO B 360 1.67 3.72 7.24
N PHE B 361 0.97 4.69 6.61
CA PHE B 361 1.58 5.49 5.57
C PHE B 361 2.10 6.82 6.14
N GLU B 362 2.35 6.87 7.46
CA GLU B 362 2.81 8.09 8.12
C GLU B 362 3.71 7.75 9.31
N MET B 363 3.22 6.88 10.21
CA MET B 363 3.97 6.53 11.39
C MET B 363 5.17 5.68 10.97
N ARG B 364 6.39 6.21 11.16
CA ARG B 364 7.59 5.42 10.97
C ARG B 364 8.00 4.80 12.30
N THR B 365 7.51 5.36 13.42
CA THR B 365 7.90 4.90 14.76
C THR B 365 6.69 4.94 15.71
N PRO B 366 6.48 3.90 16.56
CA PRO B 366 5.35 3.87 17.48
C PRO B 366 5.47 4.98 18.53
N VAL B 367 4.37 5.24 19.28
CA VAL B 367 4.33 6.34 20.23
C VAL B 367 3.45 5.98 21.43
N LEU B 368 3.72 6.65 22.55
CA LEU B 368 2.88 6.59 23.75
C LEU B 368 1.92 7.79 23.73
N ARG B 369 0.61 7.52 23.93
CA ARG B 369 -0.41 8.55 23.77
C ARG B 369 -1.12 8.83 25.09
N ILE B 370 -0.81 10.02 25.63
CA ILE B 370 -1.61 10.68 26.65
C ILE B 370 -2.82 11.31 25.96
N SER B 371 -4.01 11.02 26.50
CA SER B 371 -5.24 11.63 26.04
C SER B 371 -6.16 11.85 27.24
N PRO B 372 -5.84 12.81 28.14
CA PRO B 372 -6.59 13.01 29.38
C PRO B 372 -7.71 14.02 29.14
N HIS B 373 -8.76 13.94 29.96
CA HIS B 373 -9.93 14.79 29.76
C HIS B 373 -9.76 16.08 30.58
N VAL B 374 -10.86 16.81 30.80
CA VAL B 374 -10.86 18.11 31.48
C VAL B 374 -10.36 17.98 32.92
N ASP B 375 -10.70 16.84 33.55
CA ASP B 375 -10.48 16.57 34.95
C ASP B 375 -9.00 16.58 35.36
N VAL B 376 -8.09 16.36 34.40
CA VAL B 376 -6.68 16.16 34.71
C VAL B 376 -6.15 17.36 35.47
N THR B 377 -5.23 17.08 36.41
CA THR B 377 -4.53 18.10 37.17
C THR B 377 -3.08 18.16 36.70
N VAL B 378 -2.39 19.23 37.10
CA VAL B 378 -0.98 19.41 36.79
C VAL B 378 -0.16 18.39 37.57
N ASP B 379 -0.62 18.05 38.79
CA ASP B 379 0.01 17.01 39.59
C ASP B 379 0.08 15.74 38.75
N GLU B 380 -1.07 15.35 38.19
CA GLU B 380 -1.22 14.08 37.48
C GLU B 380 -0.32 14.05 36.24
N LEU B 381 -0.35 15.14 35.46
CA LEU B 381 0.55 15.27 34.33
C LEU B 381 2.00 15.17 34.81
N GLU B 382 2.28 15.70 36.02
CA GLU B 382 3.60 15.65 36.61
C GLU B 382 3.89 14.25 37.14
N GLN B 383 2.90 13.62 37.77
CA GLN B 383 3.01 12.22 38.16
C GLN B 383 3.35 11.35 36.97
N PHE B 384 2.75 11.67 35.82
CA PHE B 384 3.02 10.90 34.60
C PHE B 384 4.48 11.09 34.19
N ALA B 385 4.87 12.37 34.00
CA ALA B 385 6.22 12.75 33.61
C ALA B 385 7.24 12.03 34.50
N ALA B 386 7.06 12.15 35.83
CA ALA B 386 7.84 11.43 36.82
C ALA B 386 7.87 9.93 36.51
N ALA B 387 6.69 9.29 36.54
CA ALA B 387 6.57 7.85 36.35
C ALA B 387 7.14 7.42 35.01
N LEU B 388 7.19 8.34 34.05
CA LEU B 388 7.74 8.05 32.73
C LEU B 388 9.26 7.91 32.85
N ARG B 389 9.89 8.76 33.67
CA ARG B 389 11.34 8.73 33.91
C ARG B 389 11.73 7.41 34.60
N GLU B 390 11.07 7.11 35.71
CA GLU B 390 11.35 5.94 36.53
C GLU B 390 11.06 4.64 35.77
N ALA B 391 10.51 4.73 34.54
CA ALA B 391 10.08 3.56 33.78
C ALA B 391 11.29 2.86 33.17
N PRO B 392 11.44 1.51 33.37
CA PRO B 392 12.49 0.75 32.71
C PRO B 392 12.06 0.35 31.29
#